data_6GKM
#
_entry.id   6GKM
#
_cell.length_a   1
_cell.length_b   1
_cell.length_c   1
_cell.angle_alpha   90
_cell.angle_beta   90
_cell.angle_gamma   90
#
_symmetry.space_group_name_H-M   'P 1'
#
loop_
_entity.id
_entity.type
_entity.pdbx_description
1 polymer 'Interferon-induced helicase C domain-containing protein 1'
2 polymer "RNA (5'-R(P*CP*AP*AP*GP*CP*CP*GP*AP*GP*GP*AP*GP*AP*G)-3')"
3 polymer "RNA (5'-R(P*CP*UP*CP*UP*CP*CP*UP*CP*GP*GP*CP*UP*UP*G)-3')"
4 non-polymer 'ZINC ION'
5 non-polymer "ADENOSINE-5'-TRIPHOSPHATE"
#
loop_
_entity_poly.entity_id
_entity_poly.type
_entity_poly.pdbx_seq_one_letter_code
_entity_poly.pdbx_strand_id
1 'polypeptide(L)'
;MSIVCSAEDSFRNLILFFRPRLKMYIQVEPVLDHLIFLSAETKEQILKKINTCGNTSAAELLLSTLEQGQWPLGWTQMFV
EALEHSGNPLAARYVKPTLTDLPSPSSETAHDECLHLLTLLQPTLVDKLLINDVLDTCFEKGLLTVEDRNRISAAGNSGN
ESGVRELLRRIVQKENWFSTFLDVLRQTGNDALFQELTGGGCPEDNTDLANSSHRDGPAANECLLPAVDESSLETEAWNV
DDILPEASCTDSSVTTESDTSLAEGSVSCFDESLGHNSNMGRDSGTMGSDSDESVIQTKRVSPEPELQLRPYQMEVAQPA
LDGKNIIICLPTGSGKTRVAVYITKDHLDKKKQASESGKVIVLVNKVMLAEQLFRKEFNPYLKKWYRIIGLSGDTQLKIS
FPEVVKSYDVIISTAQILENSLLNLESGDDDGVQLSDFSLIIIDECHHTNKEAVYNNIMRRYLKQKLRNNDLKKQNKPAI
PLPQILGLTASPGVGAAKKQSEAEKHILNICANLDAFTIKTVKENLGQLKHQIKEPCKKFVIADDTRENPFKEKLLEIMA
SIQTYCQKSPMSDFGTQHYEQWAIQMEKKAAKDGNRKDRVCAEHLRKYNEALQINDTIRMIDAYSHLETFYTDEKEKKFA
VLNDSKKSLKLDETDEFLMNLFFDNKKMLKKLAENPKYENEKLIKLRNTILEQFTRSEESSRGIIFTKTRQSTYALSQWI
MENAKFAEVGVKAHHLIGAGHSSEVKPMTQTEQKEVISKFRTGEINLLIATTVAEEGLDIKECNIVIRYGLVTNEIAMVQ
ARGRARADESTYVLVTSSGSGVTEREIVNDFREKMMYKAINRVQNMKPEEYAHKILELQVQSILEKKMKVKRSIAKQYND
NPSLITLLCKNCSMLVCSGENIHVIEKMHHVNMTPEFKGLYIVRENKALQKKFADYQTNGEIICKCGQAWGTMMVHKGLD
LPCLKIRNFVVNFKNNSPKKQYKKWVELPIRFPDLDYSEYCLYSDED
;
A
2 'polyribonucleotide' CAAGCCGAGGAGAG X
3 'polyribonucleotide' CUCUCCUCGGCUUG Y
#
loop_
_chem_comp.id
_chem_comp.type
_chem_comp.name
_chem_comp.formula
A RNA linking ADENOSINE-5'-MONOPHOSPHATE 'C10 H14 N5 O7 P'
ATP non-polymer ADENOSINE-5'-TRIPHOSPHATE 'C10 H16 N5 O13 P3'
C RNA linking CYTIDINE-5'-MONOPHOSPHATE 'C9 H14 N3 O8 P'
G RNA linking GUANOSINE-5'-MONOPHOSPHATE 'C10 H14 N5 O8 P'
U RNA linking URIDINE-5'-MONOPHOSPHATE 'C9 H13 N2 O9 P'
ZN non-polymer 'ZINC ION' 'Zn 2'
#
# COMPACT_ATOMS: atom_id res chain seq x y z
N LEU A 307 -3.97 -5.11 -33.58
CA LEU A 307 -3.65 -4.90 -34.98
C LEU A 307 -4.61 -3.88 -35.61
N GLN A 308 -5.86 -3.91 -35.16
CA GLN A 308 -6.90 -3.02 -35.64
C GLN A 308 -7.39 -2.12 -34.53
N LEU A 309 -7.99 -1.01 -34.93
CA LEU A 309 -8.46 0.05 -34.05
C LEU A 309 -9.99 0.13 -34.07
N ARG A 310 -10.53 0.67 -33.00
CA ARG A 310 -11.95 1.01 -32.88
C ARG A 310 -12.18 2.43 -33.35
N PRO A 311 -13.44 2.84 -33.57
CA PRO A 311 -13.68 4.24 -33.98
C PRO A 311 -13.35 5.24 -32.88
N TYR A 312 -13.86 5.01 -31.67
CA TYR A 312 -13.63 5.98 -30.62
C TYR A 312 -12.19 6.00 -30.15
N GLN A 313 -11.45 4.91 -30.36
CA GLN A 313 -10.04 4.91 -30.05
C GLN A 313 -9.25 5.70 -31.08
N MET A 314 -9.71 5.70 -32.33
CA MET A 314 -8.99 6.37 -33.40
C MET A 314 -8.84 7.86 -33.12
N GLU A 315 -9.94 8.53 -32.77
CA GLU A 315 -9.90 9.98 -32.62
C GLU A 315 -9.06 10.38 -31.42
N VAL A 316 -9.20 9.66 -30.31
CA VAL A 316 -8.45 9.98 -29.11
C VAL A 316 -6.98 9.72 -29.33
N ALA A 317 -6.63 8.72 -30.14
CA ALA A 317 -5.23 8.45 -30.41
C ALA A 317 -4.63 9.42 -31.42
N GLN A 318 -5.47 9.97 -32.30
CA GLN A 318 -5.02 10.60 -33.53
C GLN A 318 -3.91 11.63 -33.38
N PRO A 319 -4.01 12.63 -32.49
CA PRO A 319 -2.94 13.63 -32.45
C PRO A 319 -1.61 13.08 -32.00
N ALA A 320 -1.60 12.00 -31.23
CA ALA A 320 -0.34 11.41 -30.79
C ALA A 320 0.50 10.90 -31.94
N LEU A 321 -0.15 10.52 -33.05
CA LEU A 321 0.53 9.85 -34.14
C LEU A 321 1.55 10.74 -34.84
N ASP A 322 1.52 12.05 -34.60
CA ASP A 322 2.51 12.98 -35.11
C ASP A 322 2.95 13.89 -33.95
N GLY A 323 3.95 13.45 -33.21
CA GLY A 323 4.41 14.19 -32.05
C GLY A 323 3.30 14.29 -31.03
N LYS A 324 3.18 15.49 -30.43
CA LYS A 324 2.04 15.83 -29.58
C LYS A 324 1.95 14.88 -28.39
N ASN A 325 2.93 15.01 -27.50
CA ASN A 325 2.83 14.40 -26.20
C ASN A 325 1.53 14.77 -25.51
N ILE A 326 0.82 13.77 -24.96
CA ILE A 326 -0.51 13.99 -24.42
C ILE A 326 -0.81 13.05 -23.26
N ILE A 327 -1.93 13.34 -22.59
CA ILE A 327 -2.61 12.45 -21.68
C ILE A 327 -3.83 11.89 -22.40
N ILE A 328 -4.24 10.69 -21.99
CA ILE A 328 -5.48 10.08 -22.46
C ILE A 328 -6.20 9.51 -21.25
N CYS A 329 -7.42 9.99 -21.00
CA CYS A 329 -8.31 9.43 -20.00
C CYS A 329 -9.56 8.93 -20.71
N LEU A 330 -9.70 7.61 -20.75
CA LEU A 330 -10.91 6.95 -21.16
C LEU A 330 -11.55 6.29 -19.95
N PRO A 331 -12.78 5.82 -20.06
CA PRO A 331 -13.33 4.99 -18.99
C PRO A 331 -12.60 3.66 -18.90
N THR A 332 -12.99 2.83 -17.93
CA THR A 332 -12.31 1.56 -17.72
C THR A 332 -12.68 0.57 -18.82
N GLY A 333 -11.72 -0.29 -19.17
CA GLY A 333 -12.02 -1.41 -20.04
C GLY A 333 -12.29 -1.08 -21.48
N SER A 334 -11.95 0.12 -21.93
CA SER A 334 -12.20 0.55 -23.30
C SER A 334 -11.06 0.20 -24.25
N GLY A 335 -10.15 -0.70 -23.85
CA GLY A 335 -9.06 -1.09 -24.71
C GLY A 335 -7.94 -0.08 -24.69
N LYS A 336 -7.60 0.31 -23.46
CA LYS A 336 -6.55 1.28 -23.24
C LYS A 336 -5.19 0.72 -23.67
N THR A 337 -4.93 -0.52 -23.28
CA THR A 337 -3.68 -1.17 -23.65
C THR A 337 -3.57 -1.34 -25.15
N ARG A 338 -4.68 -1.69 -25.80
CA ARG A 338 -4.67 -1.94 -27.24
C ARG A 338 -4.29 -0.68 -28.01
N VAL A 339 -4.86 0.45 -27.63
CA VAL A 339 -4.51 1.69 -28.31
C VAL A 339 -3.07 2.06 -28.04
N ALA A 340 -2.57 1.79 -26.82
CA ALA A 340 -1.15 1.96 -26.56
C ALA A 340 -0.32 1.16 -27.55
N VAL A 341 -0.76 -0.07 -27.81
CA VAL A 341 -0.02 -0.96 -28.70
C VAL A 341 0.00 -0.41 -30.12
N TYR A 342 -1.16 0.05 -30.61
CA TYR A 342 -1.19 0.64 -31.94
C TYR A 342 -0.22 1.79 -32.04
N ILE A 343 -0.18 2.63 -31.01
CA ILE A 343 0.65 3.83 -31.06
C ILE A 343 2.12 3.46 -31.07
N THR A 344 2.48 2.42 -30.29
CA THR A 344 3.83 1.88 -30.36
C THR A 344 4.18 1.46 -31.78
N LYS A 345 3.32 0.65 -32.40
CA LYS A 345 3.64 0.12 -33.71
C LYS A 345 3.78 1.24 -34.74
N ASP A 346 2.87 2.20 -34.70
CA ASP A 346 2.92 3.32 -35.64
C ASP A 346 4.20 4.13 -35.43
N HIS A 347 4.56 4.39 -34.17
CA HIS A 347 5.76 5.17 -33.89
C HIS A 347 7.00 4.47 -34.42
N LEU A 348 7.11 3.16 -34.20
CA LEU A 348 8.31 2.47 -34.67
C LEU A 348 8.37 2.43 -36.19
N ASP A 349 7.24 2.13 -36.85
CA ASP A 349 7.25 2.08 -38.30
C ASP A 349 7.61 3.44 -38.88
N LYS A 350 7.11 4.51 -38.26
CA LYS A 350 7.43 5.86 -38.70
C LYS A 350 8.92 6.13 -38.57
N LYS A 351 9.50 5.82 -37.40
CA LYS A 351 10.92 6.11 -37.21
C LYS A 351 11.78 5.26 -38.12
N LYS A 352 11.29 4.09 -38.52
CA LYS A 352 12.01 3.29 -39.52
C LYS A 352 11.99 3.97 -40.89
N GLN A 353 10.80 4.36 -41.35
CA GLN A 353 10.69 4.94 -42.68
C GLN A 353 11.48 6.24 -42.83
N ALA A 354 11.85 6.88 -41.73
CA ALA A 354 12.68 8.07 -41.75
C ALA A 354 14.14 7.77 -41.37
N SER A 355 14.51 6.50 -41.26
CA SER A 355 15.90 6.11 -40.96
C SER A 355 16.37 6.69 -39.63
N GLU A 356 15.47 6.70 -38.65
CA GLU A 356 15.75 7.20 -37.31
C GLU A 356 15.57 6.09 -36.29
N SER A 357 16.47 6.04 -35.32
CA SER A 357 16.39 5.01 -34.29
C SER A 357 15.13 5.19 -33.46
N GLY A 358 14.43 4.09 -33.22
CA GLY A 358 13.18 4.10 -32.50
C GLY A 358 13.14 3.12 -31.35
N LYS A 359 12.98 3.64 -30.13
CA LYS A 359 12.85 2.83 -28.94
C LYS A 359 11.70 3.35 -28.09
N VAL A 360 10.84 2.44 -27.67
CA VAL A 360 9.73 2.75 -26.77
C VAL A 360 10.02 2.08 -25.44
N ILE A 361 9.70 2.78 -24.37
CA ILE A 361 9.74 2.23 -23.02
C ILE A 361 8.39 2.48 -22.36
N VAL A 362 7.83 1.42 -21.79
CA VAL A 362 6.58 1.48 -21.05
C VAL A 362 6.91 1.46 -19.57
N LEU A 363 6.22 2.31 -18.82
CA LEU A 363 6.40 2.42 -17.38
C LEU A 363 5.11 2.04 -16.68
N VAL A 364 5.26 1.19 -15.67
CA VAL A 364 4.16 0.88 -14.76
C VAL A 364 4.63 1.03 -13.33
N ASN A 365 3.66 1.00 -12.43
CA ASN A 365 3.89 1.18 -11.01
C ASN A 365 4.02 -0.14 -10.27
N LYS A 366 3.35 -1.18 -10.73
CA LYS A 366 3.35 -2.48 -10.09
C LYS A 366 4.29 -3.45 -10.81
N VAL A 367 4.39 -4.64 -10.24
CA VAL A 367 5.24 -5.69 -10.78
C VAL A 367 4.49 -6.59 -11.74
N MET A 368 3.21 -6.84 -11.47
CA MET A 368 2.48 -7.82 -12.25
C MET A 368 2.05 -7.26 -13.59
N LEU A 369 1.79 -5.97 -13.67
CA LEU A 369 1.39 -5.37 -14.93
C LEU A 369 2.46 -5.54 -16.00
N ALA A 370 3.73 -5.59 -15.61
CA ALA A 370 4.79 -5.75 -16.59
C ALA A 370 4.66 -7.09 -17.30
N GLU A 371 4.70 -8.18 -16.53
CA GLU A 371 4.56 -9.51 -17.11
C GLU A 371 3.22 -9.67 -17.81
N GLN A 372 2.17 -9.09 -17.22
CA GLN A 372 0.83 -9.09 -17.79
C GLN A 372 0.84 -8.58 -19.23
N LEU A 373 1.29 -7.34 -19.39
CA LEU A 373 1.29 -6.69 -20.68
C LEU A 373 2.27 -7.35 -21.64
N PHE A 374 3.37 -7.87 -21.11
CA PHE A 374 4.33 -8.58 -21.94
C PHE A 374 3.69 -9.81 -22.56
N ARG A 375 2.82 -10.49 -21.81
CA ARG A 375 2.24 -11.73 -22.30
C ARG A 375 1.02 -11.49 -23.18
N LYS A 376 0.13 -10.59 -22.76
CA LYS A 376 -1.20 -10.56 -23.36
C LYS A 376 -1.36 -9.60 -24.51
N GLU A 377 -0.65 -8.47 -24.51
CA GLU A 377 -0.97 -7.36 -25.40
C GLU A 377 0.16 -7.00 -26.35
N PHE A 378 1.35 -6.72 -25.82
CA PHE A 378 2.43 -6.27 -26.70
C PHE A 378 3.01 -7.41 -27.52
N ASN A 379 3.43 -8.48 -26.86
CA ASN A 379 4.11 -9.57 -27.58
C ASN A 379 3.22 -10.25 -28.61
N PRO A 380 1.96 -10.63 -28.32
CA PRO A 380 1.17 -11.34 -29.33
C PRO A 380 0.94 -10.56 -30.60
N TYR A 381 1.13 -9.24 -30.60
CA TYR A 381 0.90 -8.41 -31.76
C TYR A 381 2.17 -7.86 -32.39
N LEU A 382 3.24 -7.73 -31.62
CA LEU A 382 4.49 -7.14 -32.09
C LEU A 382 5.64 -8.12 -32.14
N LYS A 383 5.38 -9.42 -31.90
CA LYS A 383 6.44 -10.41 -31.91
C LYS A 383 7.15 -10.45 -33.26
N LYS A 384 6.41 -10.24 -34.34
CA LYS A 384 6.93 -10.51 -35.66
C LYS A 384 7.81 -9.38 -36.18
N TRP A 385 7.47 -8.15 -35.85
CA TRP A 385 8.18 -7.01 -36.40
C TRP A 385 9.37 -6.59 -35.56
N TYR A 386 9.26 -6.67 -34.24
CA TYR A 386 10.21 -6.00 -33.35
C TYR A 386 10.60 -6.90 -32.20
N ARG A 387 11.58 -6.41 -31.43
CA ARG A 387 12.13 -7.10 -30.28
C ARG A 387 11.54 -6.51 -29.01
N ILE A 388 11.11 -7.38 -28.11
CA ILE A 388 10.28 -7.02 -26.98
C ILE A 388 10.92 -7.60 -25.73
N ILE A 389 10.69 -6.97 -24.58
CA ILE A 389 11.19 -7.51 -23.31
C ILE A 389 10.46 -6.82 -22.17
N GLY A 390 10.44 -7.49 -21.01
CA GLY A 390 9.75 -6.99 -19.82
C GLY A 390 10.55 -7.14 -18.54
N LEU A 391 10.76 -6.03 -17.83
CA LEU A 391 11.64 -5.98 -16.68
C LEU A 391 10.93 -5.57 -15.40
N SER A 392 11.45 -6.08 -14.29
CA SER A 392 10.91 -5.84 -12.97
C SER A 392 11.99 -6.22 -11.96
N GLY A 393 11.66 -6.09 -10.68
CA GLY A 393 12.55 -6.56 -9.66
C GLY A 393 12.49 -8.04 -9.39
N ASP A 394 11.78 -8.79 -10.23
CA ASP A 394 11.55 -10.21 -10.03
C ASP A 394 12.05 -11.01 -11.23
N THR A 395 13.20 -10.61 -11.76
CA THR A 395 13.91 -11.37 -12.79
C THR A 395 15.39 -11.25 -12.51
N GLN A 396 16.21 -11.56 -13.51
CA GLN A 396 17.64 -11.31 -13.44
C GLN A 396 18.10 -10.34 -14.51
N LEU A 397 17.19 -9.88 -15.36
CA LEU A 397 17.51 -8.91 -16.41
C LEU A 397 17.76 -7.52 -15.88
N LYS A 398 17.60 -7.29 -14.57
CA LYS A 398 17.88 -5.99 -14.00
C LYS A 398 19.35 -5.60 -14.11
N ILE A 399 20.24 -6.58 -14.28
CA ILE A 399 21.64 -6.34 -13.97
C ILE A 399 22.30 -5.45 -15.02
N SER A 400 22.19 -5.81 -16.30
CA SER A 400 22.74 -5.00 -17.38
C SER A 400 21.63 -4.21 -18.06
N PHE A 401 21.00 -3.32 -17.32
CA PHE A 401 19.96 -2.51 -17.93
C PHE A 401 20.50 -1.57 -19.01
N PRO A 402 21.68 -0.95 -18.85
CA PRO A 402 22.19 -0.13 -19.95
C PRO A 402 22.42 -0.90 -21.24
N GLU A 403 22.52 -2.22 -21.17
CA GLU A 403 22.83 -3.02 -22.34
C GLU A 403 21.59 -3.50 -23.08
N VAL A 404 20.54 -3.87 -22.35
CA VAL A 404 19.31 -4.29 -23.01
C VAL A 404 18.72 -3.16 -23.82
N VAL A 405 18.98 -1.92 -23.41
CA VAL A 405 18.57 -0.77 -24.22
C VAL A 405 19.22 -0.82 -25.59
N LYS A 406 20.48 -1.28 -25.65
CA LYS A 406 21.16 -1.37 -26.93
C LYS A 406 20.50 -2.36 -27.89
N SER A 407 19.59 -3.18 -27.39
CA SER A 407 18.75 -4.03 -28.22
C SER A 407 17.31 -3.80 -27.77
N TYR A 408 16.40 -4.66 -28.21
CA TYR A 408 15.06 -4.77 -27.64
C TYR A 408 14.31 -3.43 -27.70
N ASP A 409 13.97 -3.05 -28.93
CA ASP A 409 13.36 -1.75 -29.19
C ASP A 409 12.13 -1.48 -28.35
N VAL A 410 11.45 -2.51 -27.85
CA VAL A 410 10.28 -2.35 -27.00
C VAL A 410 10.59 -2.88 -25.62
N ILE A 411 10.58 -1.99 -24.65
CA ILE A 411 10.80 -2.33 -23.25
C ILE A 411 9.52 -2.10 -22.49
N ILE A 412 9.19 -3.03 -21.61
CA ILE A 412 8.23 -2.82 -20.55
C ILE A 412 9.01 -2.81 -19.25
N SER A 413 8.61 -1.99 -18.29
CA SER A 413 9.37 -1.94 -17.07
C SER A 413 8.56 -1.45 -15.89
N THR A 414 8.87 -2.05 -14.75
CA THR A 414 8.73 -1.36 -13.49
C THR A 414 9.59 -0.11 -13.52
N ALA A 415 9.17 0.89 -12.74
CA ALA A 415 9.66 2.25 -12.94
C ALA A 415 11.04 2.47 -12.33
N GLN A 416 11.16 2.22 -11.03
CA GLN A 416 12.32 2.67 -10.28
C GLN A 416 13.62 2.05 -10.77
N ILE A 417 13.55 0.99 -11.57
CA ILE A 417 14.68 0.53 -12.36
C ILE A 417 15.31 1.72 -13.07
N LEU A 418 14.48 2.44 -13.80
CA LEU A 418 14.95 3.50 -14.68
C LEU A 418 15.59 4.62 -13.87
N GLU A 419 14.93 5.01 -12.78
CA GLU A 419 15.47 6.05 -11.92
C GLU A 419 16.80 5.63 -11.33
N ASN A 420 16.91 4.36 -10.93
CA ASN A 420 18.16 3.87 -10.39
C ASN A 420 19.27 3.96 -11.42
N SER A 421 18.97 3.60 -12.67
CA SER A 421 19.98 3.66 -13.71
C SER A 421 20.39 5.09 -14.00
N LEU A 422 19.42 6.00 -14.04
CA LEU A 422 19.73 7.41 -14.28
C LEU A 422 20.62 7.96 -13.18
N LEU A 423 20.26 7.74 -11.92
CA LEU A 423 21.07 8.30 -10.85
C LEU A 423 22.40 7.60 -10.72
N ASN A 424 22.53 6.36 -11.21
CA ASN A 424 23.84 5.77 -11.31
C ASN A 424 24.67 6.49 -12.36
N LEU A 425 24.05 6.85 -13.48
CA LEU A 425 24.77 7.62 -14.50
C LEU A 425 25.18 8.98 -13.97
N GLU A 426 24.34 9.61 -13.16
CA GLU A 426 24.56 10.98 -12.72
C GLU A 426 25.23 11.08 -11.37
N SER A 427 25.52 9.96 -10.72
CA SER A 427 26.19 9.95 -9.42
C SER A 427 27.52 9.22 -9.45
N GLY A 428 27.57 8.05 -10.07
CA GLY A 428 28.77 7.26 -10.12
C GLY A 428 29.32 7.12 -11.52
N ASP A 429 30.34 6.27 -11.65
CA ASP A 429 31.01 6.01 -12.92
C ASP A 429 30.44 4.78 -13.63
N ASP A 430 29.23 4.37 -13.29
CA ASP A 430 28.60 3.25 -13.97
C ASP A 430 28.18 3.68 -15.38
N ASP A 431 27.77 2.70 -16.18
CA ASP A 431 27.37 2.98 -17.55
C ASP A 431 26.13 3.87 -17.57
N GLY A 432 25.05 3.41 -16.96
CA GLY A 432 23.85 4.21 -16.90
C GLY A 432 23.23 4.45 -18.25
N VAL A 433 22.30 5.41 -18.26
CA VAL A 433 21.53 5.73 -19.46
C VAL A 433 20.90 7.10 -19.25
N GLN A 434 20.56 7.76 -20.35
CA GLN A 434 19.85 9.03 -20.35
C GLN A 434 18.59 8.92 -21.18
N LEU A 435 17.73 9.92 -21.02
CA LEU A 435 16.47 9.96 -21.77
C LEU A 435 16.71 10.08 -23.26
N SER A 436 17.84 10.65 -23.66
CA SER A 436 18.13 10.87 -25.07
C SER A 436 18.18 9.58 -25.87
N ASP A 437 18.43 8.45 -25.23
CA ASP A 437 18.53 7.17 -25.93
C ASP A 437 17.18 6.58 -26.28
N PHE A 438 16.09 7.29 -26.01
CA PHE A 438 14.74 6.84 -26.28
C PHE A 438 14.11 7.69 -27.36
N SER A 439 12.88 7.31 -27.75
CA SER A 439 12.03 8.16 -28.57
C SER A 439 10.58 8.13 -28.13
N LEU A 440 10.25 7.41 -27.06
CA LEU A 440 8.88 7.42 -26.57
C LEU A 440 8.83 6.78 -25.19
N ILE A 441 8.09 7.42 -24.31
CA ILE A 441 7.80 6.89 -22.99
C ILE A 441 6.30 6.80 -22.86
N ILE A 442 5.80 5.61 -22.76
CA ILE A 442 4.39 5.35 -22.51
C ILE A 442 4.25 5.03 -21.05
N ILE A 443 3.15 5.47 -20.45
CA ILE A 443 2.95 5.38 -19.02
C ILE A 443 1.58 4.79 -18.75
N ASP A 444 1.47 4.04 -17.67
CA ASP A 444 0.19 3.61 -17.15
C ASP A 444 -0.10 4.34 -15.84
N GLU A 445 -1.37 4.65 -15.62
CA GLU A 445 -1.84 5.28 -14.38
C GLU A 445 -1.14 6.61 -14.13
N CYS A 446 -1.44 7.57 -15.02
CA CYS A 446 -0.92 8.93 -14.92
C CYS A 446 -1.12 9.54 -13.54
N HIS A 447 -2.26 9.28 -12.91
CA HIS A 447 -2.69 10.05 -11.75
C HIS A 447 -1.81 9.86 -10.53
N HIS A 448 -0.80 9.00 -10.58
CA HIS A 448 0.16 8.91 -9.50
C HIS A 448 1.23 9.98 -9.58
N THR A 449 1.23 10.79 -10.63
CA THR A 449 2.27 11.79 -10.81
C THR A 449 2.03 13.01 -9.92
N ASN A 450 2.51 12.95 -8.69
CA ASN A 450 2.25 13.97 -7.69
C ASN A 450 3.52 14.14 -6.86
N LYS A 451 3.38 14.73 -5.68
CA LYS A 451 4.48 15.05 -4.77
C LYS A 451 5.40 13.86 -4.54
N GLU A 452 6.64 13.97 -5.03
CA GLU A 452 7.85 13.16 -4.91
C GLU A 452 7.56 11.66 -5.11
N ALA A 453 6.61 11.37 -6.00
CA ALA A 453 6.23 10.01 -6.30
C ALA A 453 7.30 9.34 -7.15
N VAL A 454 6.98 8.17 -7.69
CA VAL A 454 7.97 7.39 -8.40
C VAL A 454 8.51 8.17 -9.58
N TYR A 455 7.66 8.37 -10.58
CA TYR A 455 8.09 8.90 -11.87
C TYR A 455 7.65 10.34 -12.08
N ASN A 456 7.57 11.11 -11.01
CA ASN A 456 7.56 12.55 -11.11
C ASN A 456 9.00 13.03 -11.20
N ASN A 457 9.87 12.38 -10.42
CA ASN A 457 11.32 12.41 -10.59
C ASN A 457 11.77 12.42 -12.05
N ILE A 458 11.40 11.36 -12.79
CA ILE A 458 11.76 11.27 -14.21
C ILE A 458 11.26 12.49 -14.95
N MET A 459 10.01 12.87 -14.69
CA MET A 459 9.42 13.96 -15.42
C MET A 459 9.98 15.29 -14.98
N ARG A 460 10.43 15.39 -13.72
CA ARG A 460 11.17 16.59 -13.36
C ARG A 460 12.46 16.70 -14.16
N ARG A 461 13.11 15.57 -14.43
CA ARG A 461 14.34 15.64 -15.23
C ARG A 461 14.03 15.96 -16.68
N TYR A 462 12.96 15.38 -17.20
CA TYR A 462 12.50 15.71 -18.54
C TYR A 462 12.21 17.20 -18.67
N LEU A 463 11.56 17.78 -17.67
CA LEU A 463 11.22 19.19 -17.72
C LEU A 463 12.45 20.06 -17.56
N LYS A 464 13.40 19.63 -16.74
CA LYS A 464 14.65 20.36 -16.61
C LYS A 464 15.36 20.43 -17.95
N GLN A 465 15.43 19.30 -18.65
CA GLN A 465 16.10 19.30 -19.94
C GLN A 465 15.29 20.08 -20.97
N LYS A 466 13.97 20.08 -20.87
CA LYS A 466 13.17 20.86 -21.80
C LYS A 466 13.42 22.35 -21.62
N LEU A 467 13.50 22.80 -20.37
CA LEU A 467 13.79 24.20 -20.15
C LEU A 467 15.20 24.54 -20.60
N ARG A 468 16.13 23.59 -20.47
CA ARG A 468 17.44 23.77 -21.06
C ARG A 468 17.34 23.97 -22.56
N ASN A 469 16.54 23.14 -23.23
CA ASN A 469 16.37 23.25 -24.67
C ASN A 469 15.74 24.59 -25.06
N ASN A 470 14.75 25.04 -24.28
CA ASN A 470 14.05 26.26 -24.62
C ASN A 470 14.94 27.48 -24.41
N ASP A 471 15.76 27.47 -23.36
CA ASP A 471 16.72 28.54 -23.15
C ASP A 471 17.82 28.50 -24.20
N LEU A 472 18.16 27.31 -24.70
CA LEU A 472 19.21 27.17 -25.69
C LEU A 472 18.74 27.54 -27.09
N LYS A 473 17.45 27.37 -27.39
CA LYS A 473 16.90 27.73 -28.69
C LYS A 473 17.29 29.14 -29.10
N LYS A 474 17.25 30.07 -28.14
CA LYS A 474 17.74 31.42 -28.40
C LYS A 474 19.26 31.51 -28.32
N GLN A 475 19.91 30.65 -27.55
CA GLN A 475 21.36 30.74 -27.42
C GLN A 475 22.10 30.03 -28.56
N ASN A 476 22.01 28.71 -28.60
CA ASN A 476 22.62 27.93 -29.65
C ASN A 476 21.56 27.31 -30.56
N LYS A 477 22.01 26.60 -31.58
CA LYS A 477 21.21 25.70 -32.40
C LYS A 477 21.07 24.28 -31.84
N PRO A 478 22.15 23.62 -31.31
CA PRO A 478 22.04 22.18 -31.02
C PRO A 478 21.17 21.83 -29.83
N ALA A 479 19.86 21.74 -30.06
CA ALA A 479 18.89 21.33 -29.05
C ALA A 479 18.74 19.80 -29.10
N ILE A 480 18.99 19.15 -27.97
CA ILE A 480 18.87 17.69 -27.87
C ILE A 480 17.45 17.28 -28.22
N PRO A 481 17.23 16.24 -29.06
CA PRO A 481 15.84 15.82 -29.31
C PRO A 481 15.25 15.07 -28.13
N LEU A 482 14.29 15.67 -27.46
CA LEU A 482 13.63 14.98 -26.36
C LEU A 482 12.64 13.95 -26.89
N PRO A 483 12.30 12.95 -26.09
CA PRO A 483 11.33 11.95 -26.55
C PRO A 483 9.90 12.45 -26.51
N GLN A 484 8.99 11.61 -26.97
CA GLN A 484 7.56 11.86 -26.90
C GLN A 484 7.00 11.17 -25.66
N ILE A 485 5.91 11.71 -25.13
CA ILE A 485 5.34 11.24 -23.88
C ILE A 485 3.84 11.03 -24.06
N LEU A 486 3.38 9.84 -23.69
CA LEU A 486 2.01 9.42 -23.88
C LEU A 486 1.55 8.81 -22.56
N GLY A 487 0.83 9.59 -21.76
CA GLY A 487 0.28 9.10 -20.53
C GLY A 487 -1.11 8.54 -20.76
N LEU A 488 -1.39 7.42 -20.09
CA LEU A 488 -2.68 6.77 -20.15
C LEU A 488 -3.22 6.64 -18.74
N THR A 489 -4.54 6.75 -18.61
CA THR A 489 -5.16 6.60 -17.32
C THR A 489 -6.63 6.25 -17.52
N ALA A 490 -7.33 6.17 -16.40
CA ALA A 490 -8.79 6.13 -16.38
C ALA A 490 -9.38 7.47 -16.01
N SER A 491 -8.77 8.16 -15.07
CA SER A 491 -9.22 9.47 -14.64
C SER A 491 -8.10 10.14 -13.86
N PRO A 492 -7.71 11.38 -14.17
CA PRO A 492 -6.61 11.99 -13.42
C PRO A 492 -6.98 12.29 -12.00
N GLY A 493 -8.26 12.48 -11.71
CA GLY A 493 -8.69 12.66 -10.35
C GLY A 493 -8.35 14.02 -9.79
N VAL A 494 -9.30 14.62 -9.08
CA VAL A 494 -9.07 15.90 -8.41
C VAL A 494 -8.22 15.68 -7.19
N GLY A 495 -7.21 16.51 -7.02
CA GLY A 495 -6.29 16.38 -5.91
C GLY A 495 -6.72 17.14 -4.68
N ALA A 496 -7.80 16.69 -4.05
CA ALA A 496 -8.21 17.18 -2.74
C ALA A 496 -8.45 18.68 -2.77
N ALA A 497 -9.49 19.07 -3.51
CA ALA A 497 -9.84 20.46 -3.72
C ALA A 497 -11.34 20.61 -3.63
N LYS A 498 -11.79 21.55 -2.80
CA LYS A 498 -13.02 22.16 -2.28
C LYS A 498 -13.65 23.16 -3.25
N LYS A 499 -13.14 23.26 -4.48
CA LYS A 499 -13.66 24.20 -5.45
C LYS A 499 -13.40 23.65 -6.85
N GLN A 500 -14.18 24.14 -7.82
CA GLN A 500 -13.93 23.76 -9.20
C GLN A 500 -12.61 24.32 -9.70
N SER A 501 -12.27 25.52 -9.25
CA SER A 501 -11.07 26.19 -9.75
C SER A 501 -9.81 25.49 -9.28
N GLU A 502 -9.77 25.08 -8.01
CA GLU A 502 -8.60 24.37 -7.51
C GLU A 502 -8.45 23.02 -8.21
N ALA A 503 -9.56 22.40 -8.60
CA ALA A 503 -9.49 21.18 -9.38
C ALA A 503 -8.85 21.44 -10.73
N GLU A 504 -9.29 22.49 -11.41
CA GLU A 504 -8.66 22.90 -12.65
C GLU A 504 -7.15 23.10 -12.45
N LYS A 505 -6.78 23.73 -11.33
CA LYS A 505 -5.37 23.96 -11.04
C LYS A 505 -4.62 22.63 -10.91
N HIS A 506 -5.23 21.66 -10.25
CA HIS A 506 -4.58 20.37 -10.05
C HIS A 506 -4.41 19.63 -11.38
N ILE A 507 -5.44 19.69 -12.23
CA ILE A 507 -5.33 19.10 -13.56
C ILE A 507 -4.17 19.72 -14.31
N LEU A 508 -4.05 21.04 -14.25
CA LEU A 508 -2.97 21.70 -14.96
C LEU A 508 -1.62 21.33 -14.37
N ASN A 509 -1.57 21.08 -13.06
CA ASN A 509 -0.34 20.62 -12.46
C ASN A 509 0.08 19.27 -13.03
N ILE A 510 -0.89 18.37 -13.20
CA ILE A 510 -0.61 17.08 -13.84
C ILE A 510 -0.09 17.30 -15.25
N CYS A 511 -0.82 18.08 -16.04
CA CYS A 511 -0.43 18.30 -17.43
C CYS A 511 0.95 18.93 -17.53
N ALA A 512 1.33 19.73 -16.54
CA ALA A 512 2.68 20.26 -16.51
C ALA A 512 3.68 19.17 -16.22
N ASN A 513 3.38 18.32 -15.23
CA ASN A 513 4.30 17.25 -14.88
C ASN A 513 4.34 16.14 -15.93
N LEU A 514 3.54 16.23 -17.00
CA LEU A 514 3.66 15.33 -18.13
C LEU A 514 3.92 16.05 -19.45
N ASP A 515 4.09 17.37 -19.44
CA ASP A 515 4.40 18.14 -20.64
C ASP A 515 3.32 17.94 -21.71
N ALA A 516 2.09 17.79 -21.26
CA ALA A 516 1.03 17.42 -22.19
C ALA A 516 0.58 18.64 -22.99
N PHE A 517 -0.28 18.35 -23.96
CA PHE A 517 -0.83 19.32 -24.89
C PHE A 517 -2.35 19.38 -24.84
N THR A 518 -2.99 18.27 -24.50
CA THR A 518 -4.43 18.15 -24.36
C THR A 518 -4.72 17.02 -23.40
N ILE A 519 -6.00 16.67 -23.27
CA ILE A 519 -6.45 15.53 -22.49
C ILE A 519 -7.13 14.49 -23.36
N LYS A 520 -7.92 14.92 -24.33
CA LYS A 520 -8.51 14.04 -25.34
C LYS A 520 -9.40 12.98 -24.70
N THR A 521 -10.47 13.47 -24.08
CA THR A 521 -11.56 12.60 -23.67
C THR A 521 -12.48 12.32 -24.86
N VAL A 522 -13.08 11.13 -24.86
CA VAL A 522 -13.98 10.75 -25.93
C VAL A 522 -15.29 11.50 -25.77
N LYS A 523 -15.74 12.15 -26.84
CA LYS A 523 -17.00 12.87 -26.85
C LYS A 523 -17.85 12.55 -28.08
N GLU A 524 -17.20 12.37 -29.23
CA GLU A 524 -17.93 12.29 -30.49
C GLU A 524 -18.56 10.92 -30.69
N ASN A 525 -17.75 9.88 -30.84
CA ASN A 525 -18.25 8.52 -31.07
C ASN A 525 -18.63 7.88 -29.74
N LEU A 526 -19.59 8.51 -29.08
CA LEU A 526 -19.94 8.19 -27.71
C LEU A 526 -20.95 7.06 -27.61
N GLY A 527 -21.88 6.96 -28.56
CA GLY A 527 -22.88 5.92 -28.50
C GLY A 527 -22.28 4.53 -28.62
N GLN A 528 -21.23 4.40 -29.44
CA GLN A 528 -20.53 3.13 -29.53
C GLN A 528 -19.94 2.73 -28.19
N LEU A 529 -19.48 3.71 -27.42
CA LEU A 529 -18.96 3.42 -26.09
C LEU A 529 -20.06 2.93 -25.18
N LYS A 530 -21.19 3.64 -25.17
CA LYS A 530 -22.31 3.26 -24.32
C LYS A 530 -22.83 1.87 -24.67
N HIS A 531 -22.77 1.49 -25.95
CA HIS A 531 -23.20 0.16 -26.34
C HIS A 531 -22.17 -0.89 -25.93
N GLN A 532 -20.92 -0.70 -26.32
CA GLN A 532 -19.88 -1.67 -25.98
C GLN A 532 -19.57 -1.66 -24.49
N ILE A 533 -19.73 -0.51 -23.83
CA ILE A 533 -19.35 -0.33 -22.44
C ILE A 533 -20.51 0.28 -21.69
N LYS A 534 -20.71 -0.17 -20.46
CA LYS A 534 -21.81 0.27 -19.63
C LYS A 534 -21.35 0.36 -18.19
N GLU A 535 -22.17 1.00 -17.37
CA GLU A 535 -21.93 1.16 -15.96
C GLU A 535 -22.75 0.17 -15.16
N PRO A 536 -22.43 -0.02 -13.88
CA PRO A 536 -23.36 -0.69 -12.98
C PRO A 536 -24.33 0.32 -12.39
N CYS A 537 -25.15 -0.14 -11.46
CA CYS A 537 -26.08 0.70 -10.71
C CYS A 537 -25.56 0.91 -9.30
N LYS A 538 -25.49 2.17 -8.88
CA LYS A 538 -25.09 2.48 -7.52
C LYS A 538 -26.19 2.09 -6.56
N LYS A 539 -25.80 1.70 -5.35
CA LYS A 539 -26.78 1.20 -4.40
C LYS A 539 -26.20 1.26 -3.01
N PHE A 540 -27.03 1.68 -2.06
CA PHE A 540 -26.65 1.81 -0.67
C PHE A 540 -27.49 0.86 0.17
N VAL A 541 -26.87 0.25 1.18
CA VAL A 541 -27.60 -0.60 2.12
C VAL A 541 -27.16 -0.29 3.53
N ILE A 542 -27.94 0.51 4.23
CA ILE A 542 -27.60 0.99 5.55
C ILE A 542 -28.30 0.11 6.58
N ALA A 543 -27.71 0.04 7.78
CA ALA A 543 -28.32 -0.65 8.90
C ALA A 543 -27.98 0.10 10.17
N ASP A 544 -28.58 -0.33 11.28
CA ASP A 544 -28.39 0.33 12.56
C ASP A 544 -28.55 -0.70 13.66
N ASP A 545 -28.10 -0.33 14.86
CA ASP A 545 -28.24 -1.16 16.05
C ASP A 545 -28.63 -0.30 17.24
N THR A 546 -29.50 -0.85 18.08
CA THR A 546 -29.90 -0.28 19.35
C THR A 546 -29.70 -1.29 20.47
N ARG A 547 -28.63 -2.08 20.37
CA ARG A 547 -28.44 -3.26 21.19
C ARG A 547 -26.96 -3.57 21.43
N GLU A 548 -26.65 -4.83 21.70
CA GLU A 548 -25.28 -5.27 21.98
C GLU A 548 -24.78 -4.68 23.28
N ASN A 549 -25.65 -4.65 24.28
CA ASN A 549 -25.22 -4.30 25.62
C ASN A 549 -24.32 -5.36 26.26
N PRO A 550 -24.65 -6.67 26.22
CA PRO A 550 -23.97 -7.60 27.15
C PRO A 550 -22.48 -7.74 26.94
N PHE A 551 -22.03 -7.82 25.69
CA PHE A 551 -20.62 -8.06 25.41
C PHE A 551 -19.81 -6.77 25.44
N LYS A 552 -20.31 -5.76 24.74
CA LYS A 552 -19.69 -4.44 24.74
C LYS A 552 -19.50 -3.95 26.16
N GLU A 553 -20.59 -3.87 26.93
CA GLU A 553 -20.48 -3.43 28.31
C GLU A 553 -19.58 -4.36 29.12
N LYS A 554 -19.57 -5.65 28.79
CA LYS A 554 -18.73 -6.58 29.53
C LYS A 554 -17.26 -6.29 29.32
N LEU A 555 -16.92 -5.69 28.17
CA LEU A 555 -15.55 -5.25 27.93
C LEU A 555 -15.28 -3.86 28.51
N LEU A 556 -16.27 -2.98 28.40
CA LEU A 556 -16.12 -1.64 28.94
C LEU A 556 -15.91 -1.66 30.44
N GLU A 557 -16.54 -2.61 31.13
CA GLU A 557 -16.31 -2.76 32.55
C GLU A 557 -14.84 -3.01 32.84
N ILE A 558 -14.23 -3.88 32.05
CA ILE A 558 -12.83 -4.22 32.22
C ILE A 558 -11.98 -2.99 31.98
N MET A 559 -12.28 -2.27 30.91
CA MET A 559 -11.49 -1.10 30.55
C MET A 559 -11.58 -0.04 31.65
N ALA A 560 -12.78 0.16 32.19
CA ALA A 560 -12.96 1.13 33.27
C ALA A 560 -12.21 0.69 34.51
N SER A 561 -12.25 -0.60 34.81
CA SER A 561 -11.51 -1.13 35.95
C SER A 561 -10.03 -0.85 35.80
N ILE A 562 -9.52 -1.00 34.57
CA ILE A 562 -8.08 -0.81 34.36
C ILE A 562 -7.73 0.66 34.51
N GLN A 563 -8.54 1.54 33.93
CA GLN A 563 -8.28 2.97 34.06
C GLN A 563 -8.30 3.40 35.52
N THR A 564 -9.29 2.90 36.28
CA THR A 564 -9.37 3.22 37.70
C THR A 564 -8.30 2.52 38.52
N TYR A 565 -7.65 1.52 37.96
CA TYR A 565 -6.46 0.94 38.56
C TYR A 565 -5.23 1.76 38.25
N CYS A 566 -5.26 2.52 37.16
CA CYS A 566 -4.13 3.35 36.75
C CYS A 566 -4.30 4.82 37.10
N GLN A 567 -5.50 5.25 37.48
CA GLN A 567 -5.79 6.65 37.75
C GLN A 567 -5.38 7.53 36.56
N LYS A 568 -6.05 7.29 35.44
CA LYS A 568 -5.84 8.08 34.24
C LYS A 568 -7.18 8.54 33.69
N SER A 569 -7.18 9.78 33.19
CA SER A 569 -8.36 10.43 32.67
C SER A 569 -8.24 10.50 31.15
N PRO A 570 -9.08 9.81 30.37
CA PRO A 570 -8.89 9.83 28.91
C PRO A 570 -9.49 11.06 28.26
N MET A 571 -10.59 11.56 28.83
CA MET A 571 -11.37 12.63 28.22
C MET A 571 -11.81 12.24 26.81
N SER A 572 -12.35 11.04 26.69
CA SER A 572 -12.78 10.53 25.39
C SER A 572 -13.74 9.37 25.54
N ASP A 573 -14.00 8.68 24.43
CA ASP A 573 -14.99 7.61 24.38
C ASP A 573 -14.30 6.29 24.10
N PHE A 574 -14.93 5.21 24.55
CA PHE A 574 -14.44 3.86 24.30
C PHE A 574 -14.97 3.37 22.97
N GLY A 575 -14.07 2.91 22.12
CA GLY A 575 -14.44 2.33 20.85
C GLY A 575 -14.30 3.29 19.70
N THR A 576 -13.18 4.00 19.66
CA THR A 576 -12.91 4.93 18.57
C THR A 576 -11.39 5.04 18.42
N GLN A 577 -10.95 6.07 17.72
CA GLN A 577 -9.55 6.23 17.35
C GLN A 577 -8.83 7.27 18.20
N HIS A 578 -9.53 8.28 18.70
CA HIS A 578 -8.87 9.27 19.54
C HIS A 578 -8.37 8.62 20.82
N TYR A 579 -9.15 7.66 21.35
CA TYR A 579 -8.72 6.92 22.52
C TYR A 579 -7.45 6.16 22.24
N GLU A 580 -7.35 5.57 21.05
CA GLU A 580 -6.15 4.84 20.68
C GLU A 580 -4.95 5.78 20.62
N GLN A 581 -5.13 6.95 20.01
CA GLN A 581 -4.04 7.93 19.92
C GLN A 581 -3.57 8.32 21.31
N TRP A 582 -4.52 8.52 22.22
CA TRP A 582 -4.18 8.84 23.60
C TRP A 582 -3.36 7.71 24.21
N ALA A 583 -3.78 6.47 23.98
CA ALA A 583 -3.08 5.33 24.54
C ALA A 583 -1.65 5.27 24.04
N ILE A 584 -1.45 5.49 22.76
CA ILE A 584 -0.11 5.41 22.18
C ILE A 584 0.79 6.48 22.80
N GLN A 585 0.32 7.73 22.85
CA GLN A 585 1.20 8.76 23.38
C GLN A 585 1.43 8.56 24.87
N MET A 586 0.46 7.99 25.58
CA MET A 586 0.65 7.71 26.99
C MET A 586 1.72 6.64 27.19
N GLU A 587 1.68 5.59 26.37
CA GLU A 587 2.71 4.57 26.42
C GLU A 587 4.08 5.16 26.15
N LYS A 588 4.18 5.99 25.12
CA LYS A 588 5.47 6.56 24.77
C LYS A 588 6.00 7.44 25.89
N LYS A 589 5.12 8.21 26.53
CA LYS A 589 5.55 9.06 27.63
C LYS A 589 6.02 8.21 28.80
N ALA A 590 5.24 7.19 29.15
CA ALA A 590 5.60 6.34 30.27
C ALA A 590 6.90 5.61 30.03
N ALA A 591 7.19 5.28 28.78
CA ALA A 591 8.45 4.62 28.47
C ALA A 591 9.61 5.60 28.49
N LYS A 592 9.39 6.83 28.01
CA LYS A 592 10.42 7.85 28.11
C LYS A 592 10.74 8.17 29.56
N ASP A 593 9.75 8.03 30.44
CA ASP A 593 9.99 8.21 31.86
C ASP A 593 10.54 6.94 32.50
N GLY A 594 10.00 5.80 32.09
CA GLY A 594 10.37 4.51 32.66
C GLY A 594 9.29 3.90 33.54
N ASN A 595 8.20 4.62 33.78
CA ASN A 595 7.19 4.18 34.74
C ASN A 595 6.37 3.05 34.14
N ARG A 596 6.43 1.87 34.75
CA ARG A 596 5.50 0.80 34.43
C ARG A 596 4.19 1.07 35.15
N LYS A 597 3.27 0.10 35.06
CA LYS A 597 1.91 0.15 35.62
C LYS A 597 0.97 1.04 34.80
N ASP A 598 1.52 1.81 33.86
CA ASP A 598 0.75 2.69 32.98
C ASP A 598 1.01 2.40 31.51
N ARG A 599 2.22 1.97 31.16
CA ARG A 599 2.53 1.71 29.76
C ARG A 599 2.00 0.34 29.32
N VAL A 600 2.12 -0.66 30.19
CA VAL A 600 1.68 -2.00 29.78
C VAL A 600 0.17 -2.06 29.74
N CYS A 601 -0.47 -1.38 30.67
CA CYS A 601 -1.91 -1.30 30.66
C CYS A 601 -2.40 -0.55 29.43
N ALA A 602 -1.62 0.43 28.99
CA ALA A 602 -1.93 1.08 27.72
C ALA A 602 -1.82 0.09 26.56
N GLU A 603 -0.75 -0.71 26.55
CA GLU A 603 -0.57 -1.69 25.49
C GLU A 603 -1.73 -2.67 25.46
N HIS A 604 -2.33 -2.95 26.61
CA HIS A 604 -3.48 -3.86 26.66
C HIS A 604 -4.76 -3.15 26.23
N LEU A 605 -4.96 -1.92 26.71
CA LEU A 605 -6.13 -1.14 26.33
C LEU A 605 -6.21 -0.93 24.84
N ARG A 606 -5.06 -0.84 24.19
CA ARG A 606 -5.06 -0.74 22.73
C ARG A 606 -5.70 -1.97 22.12
N LYS A 607 -5.35 -3.16 22.64
CA LYS A 607 -5.94 -4.39 22.10
C LYS A 607 -7.43 -4.42 22.37
N TYR A 608 -7.85 -3.95 23.54
CA TYR A 608 -9.28 -3.91 23.83
C TYR A 608 -10.01 -2.96 22.90
N ASN A 609 -9.42 -1.80 22.62
CA ASN A 609 -10.06 -0.85 21.73
C ASN A 609 -10.17 -1.41 20.33
N GLU A 610 -9.11 -2.08 19.86
CA GLU A 610 -9.16 -2.73 18.56
C GLU A 610 -10.25 -3.78 18.52
N ALA A 611 -10.41 -4.51 19.62
CA ALA A 611 -11.44 -5.53 19.70
C ALA A 611 -12.82 -4.91 19.56
N LEU A 612 -13.02 -3.78 20.24
CA LEU A 612 -14.30 -3.09 20.13
C LEU A 612 -14.53 -2.57 18.72
N GLN A 613 -13.48 -2.05 18.08
CA GLN A 613 -13.60 -1.53 16.74
C GLN A 613 -14.04 -2.61 15.76
N ILE A 614 -13.42 -3.78 15.85
CA ILE A 614 -13.82 -4.86 14.96
C ILE A 614 -15.18 -5.42 15.34
N ASN A 615 -15.56 -5.28 16.62
CA ASN A 615 -16.90 -5.67 17.03
C ASN A 615 -17.95 -4.89 16.27
N ASP A 616 -17.66 -3.63 15.94
CA ASP A 616 -18.61 -2.82 15.21
C ASP A 616 -18.86 -3.34 13.82
N THR A 617 -17.95 -4.15 13.27
CA THR A 617 -18.04 -4.71 11.93
C THR A 617 -18.05 -6.23 11.90
N ILE A 618 -17.47 -6.89 12.90
CA ILE A 618 -17.22 -8.33 12.88
C ILE A 618 -17.75 -8.93 14.18
N ARG A 619 -17.87 -10.25 14.19
CA ARG A 619 -18.40 -10.99 15.32
C ARG A 619 -17.58 -10.81 16.59
N MET A 620 -18.25 -11.03 17.72
CA MET A 620 -17.55 -11.02 19.00
C MET A 620 -16.47 -12.10 19.05
N ILE A 621 -16.70 -13.22 18.36
CA ILE A 621 -15.80 -14.35 18.45
C ILE A 621 -14.43 -14.02 17.89
N ASP A 622 -14.38 -13.18 16.85
CA ASP A 622 -13.10 -12.85 16.26
C ASP A 622 -12.25 -12.02 17.20
N ALA A 623 -12.89 -11.10 17.91
CA ALA A 623 -12.18 -10.31 18.92
C ALA A 623 -11.76 -11.18 20.10
N TYR A 624 -12.63 -12.10 20.51
CA TYR A 624 -12.26 -13.04 21.56
C TYR A 624 -11.05 -13.86 21.15
N SER A 625 -10.99 -14.25 19.87
CA SER A 625 -9.86 -15.02 19.38
C SER A 625 -8.60 -14.16 19.36
N HIS A 626 -8.74 -12.89 18.97
CA HIS A 626 -7.62 -11.95 19.00
C HIS A 626 -7.02 -11.89 20.39
N LEU A 627 -7.87 -11.63 21.38
CA LEU A 627 -7.41 -11.52 22.76
C LEU A 627 -6.86 -12.84 23.27
N GLU A 628 -7.46 -13.95 22.84
CA GLU A 628 -7.00 -15.26 23.24
C GLU A 628 -5.59 -15.51 22.75
N THR A 629 -5.34 -15.20 21.48
CA THR A 629 -4.00 -15.35 20.93
C THR A 629 -3.01 -14.48 21.69
N PHE A 630 -3.40 -13.24 21.97
CA PHE A 630 -2.53 -12.32 22.68
C PHE A 630 -2.13 -12.85 24.05
N TYR A 631 -3.13 -13.13 24.89
CA TYR A 631 -2.82 -13.55 26.25
C TYR A 631 -2.19 -14.93 26.29
N THR A 632 -2.55 -15.80 25.35
CA THR A 632 -1.91 -17.10 25.28
C THR A 632 -0.43 -16.94 25.00
N ASP A 633 -0.10 -16.07 24.05
CA ASP A 633 1.30 -15.77 23.77
C ASP A 633 1.99 -15.22 25.01
N GLU A 634 1.32 -14.35 25.74
CA GLU A 634 1.94 -13.74 26.91
C GLU A 634 2.22 -14.79 27.99
N LYS A 635 1.26 -15.67 28.26
CA LYS A 635 1.49 -16.72 29.25
C LYS A 635 2.61 -17.64 28.79
N GLU A 636 2.66 -17.94 27.50
CA GLU A 636 3.73 -18.78 26.98
C GLU A 636 5.08 -18.10 27.17
N LYS A 637 5.12 -16.78 26.97
CA LYS A 637 6.37 -16.05 27.18
C LYS A 637 6.80 -16.12 28.64
N LYS A 638 5.86 -15.90 29.55
CA LYS A 638 6.22 -15.92 30.97
C LYS A 638 6.68 -17.31 31.39
N PHE A 639 6.07 -18.36 30.85
CA PHE A 639 6.49 -19.71 31.22
C PHE A 639 7.84 -20.05 30.60
N ALA A 640 8.10 -19.59 29.38
CA ALA A 640 9.42 -19.77 28.79
C ALA A 640 10.48 -19.04 29.62
N VAL A 641 10.14 -17.87 30.16
CA VAL A 641 11.09 -17.13 30.98
C VAL A 641 11.36 -17.86 32.28
N LEU A 642 10.30 -18.25 32.98
CA LEU A 642 10.42 -18.89 34.28
C LEU A 642 10.81 -20.36 34.18
N ASN A 643 10.94 -20.89 32.97
CA ASN A 643 11.42 -22.26 32.82
C ASN A 643 12.87 -22.39 33.25
N ASP A 644 13.65 -21.31 33.17
CA ASP A 644 15.01 -21.28 33.68
C ASP A 644 14.98 -20.75 35.12
N SER A 645 16.12 -20.47 35.75
CA SER A 645 16.11 -20.02 37.14
C SER A 645 15.50 -18.62 37.23
N SER A 648 14.26 -20.17 41.72
CA SER A 648 13.64 -18.92 42.13
C SER A 648 12.87 -18.29 40.98
N LEU A 649 11.72 -17.71 41.27
CA LEU A 649 10.88 -17.12 40.23
C LEU A 649 10.12 -15.94 40.81
N LYS A 650 10.31 -14.77 40.21
CA LYS A 650 9.64 -13.55 40.67
C LYS A 650 8.50 -13.20 39.73
N LEU A 651 7.40 -12.73 40.31
CA LEU A 651 6.22 -12.30 39.58
C LEU A 651 6.02 -10.80 39.76
N ASP A 652 5.25 -10.22 38.85
CA ASP A 652 4.92 -8.80 38.88
C ASP A 652 3.49 -8.62 39.38
N GLU A 653 3.23 -7.41 39.90
CA GLU A 653 1.89 -7.10 40.38
C GLU A 653 0.98 -6.72 39.21
N THR A 654 1.51 -5.95 38.27
CA THR A 654 0.73 -5.44 37.15
C THR A 654 0.17 -6.55 36.28
N ASP A 655 1.06 -7.34 35.68
CA ASP A 655 0.63 -8.41 34.80
C ASP A 655 -0.24 -9.41 35.55
N GLU A 656 0.07 -9.65 36.82
CA GLU A 656 -0.76 -10.53 37.63
C GLU A 656 -2.17 -9.99 37.73
N PHE A 657 -2.29 -8.69 38.00
CA PHE A 657 -3.60 -8.05 38.10
C PHE A 657 -4.35 -8.15 36.77
N LEU A 658 -3.65 -7.93 35.66
CA LEU A 658 -4.33 -7.94 34.37
C LEU A 658 -4.81 -9.35 34.01
N MET A 659 -3.95 -10.35 34.20
CA MET A 659 -4.33 -11.71 33.87
C MET A 659 -5.46 -12.19 34.77
N ASN A 660 -5.37 -11.87 36.06
CA ASN A 660 -6.46 -12.21 36.97
C ASN A 660 -7.73 -11.47 36.59
N LEU A 661 -7.60 -10.30 35.99
CA LEU A 661 -8.78 -9.56 35.53
C LEU A 661 -9.37 -10.18 34.28
N PHE A 662 -8.53 -10.79 33.44
CA PHE A 662 -9.00 -11.32 32.17
C PHE A 662 -9.51 -12.75 32.28
N PHE A 663 -8.66 -13.66 32.74
CA PHE A 663 -8.97 -15.08 32.65
C PHE A 663 -10.19 -15.46 33.46
N ASP A 664 -10.47 -14.72 34.54
CA ASP A 664 -11.67 -14.99 35.32
C ASP A 664 -12.93 -14.76 34.49
N ASN A 665 -12.86 -13.85 33.53
CA ASN A 665 -13.97 -13.54 32.65
C ASN A 665 -13.85 -14.19 31.28
N LYS A 666 -12.80 -14.98 31.05
CA LYS A 666 -12.57 -15.58 29.74
C LYS A 666 -13.72 -16.49 29.32
N LYS A 667 -14.11 -17.41 30.21
CA LYS A 667 -15.25 -18.28 29.90
C LYS A 667 -16.53 -17.47 29.75
N MET A 668 -16.68 -16.42 30.56
CA MET A 668 -17.84 -15.55 30.45
C MET A 668 -17.91 -14.93 29.06
N LEU A 669 -16.80 -14.37 28.59
CA LEU A 669 -16.79 -13.76 27.26
C LEU A 669 -17.03 -14.80 26.18
N LYS A 670 -16.49 -16.01 26.36
CA LYS A 670 -16.72 -17.04 25.35
C LYS A 670 -18.19 -17.41 25.29
N LYS A 671 -18.88 -17.38 26.43
CA LYS A 671 -20.30 -17.65 26.45
C LYS A 671 -21.09 -16.51 25.83
N LEU A 672 -20.76 -15.27 26.21
CA LEU A 672 -21.48 -14.11 25.71
C LEU A 672 -21.31 -13.94 24.22
N ALA A 673 -20.12 -14.26 23.70
CA ALA A 673 -19.83 -14.06 22.29
C ALA A 673 -20.75 -14.89 21.42
N GLU A 674 -20.83 -16.18 21.70
CA GLU A 674 -21.70 -17.06 20.96
C GLU A 674 -23.14 -16.84 21.40
N ASN A 675 -23.85 -16.00 20.66
CA ASN A 675 -25.21 -15.58 21.00
C ASN A 675 -25.88 -15.01 19.76
N PRO A 676 -26.46 -15.85 18.88
CA PRO A 676 -27.02 -15.32 17.63
C PRO A 676 -28.27 -14.47 17.80
N LYS A 677 -28.73 -14.21 19.03
CA LYS A 677 -29.84 -13.29 19.23
C LYS A 677 -29.52 -11.91 18.67
N TYR A 678 -28.29 -11.44 18.89
CA TYR A 678 -27.84 -10.16 18.36
C TYR A 678 -26.42 -10.37 17.84
N GLU A 679 -26.32 -10.79 16.57
CA GLU A 679 -25.02 -11.03 15.95
C GLU A 679 -24.41 -9.74 15.42
N ASN A 680 -25.07 -9.14 14.43
CA ASN A 680 -24.64 -7.90 13.79
C ASN A 680 -25.56 -7.65 12.61
N GLU A 681 -25.69 -6.37 12.24
CA GLU A 681 -26.61 -5.98 11.18
C GLU A 681 -25.98 -6.05 9.80
N LYS A 682 -24.82 -5.42 9.62
CA LYS A 682 -24.20 -5.32 8.30
C LYS A 682 -23.94 -6.69 7.69
N LEU A 683 -23.55 -7.64 8.53
CA LEU A 683 -23.32 -9.01 8.05
C LEU A 683 -24.58 -9.58 7.44
N ILE A 684 -25.72 -9.35 8.08
CA ILE A 684 -26.98 -9.89 7.60
C ILE A 684 -27.39 -9.20 6.32
N LYS A 685 -27.15 -7.90 6.23
CA LYS A 685 -27.49 -7.15 5.03
C LYS A 685 -26.71 -7.68 3.84
N LEU A 686 -25.41 -7.88 4.02
CA LEU A 686 -24.66 -8.45 2.91
C LEU A 686 -25.02 -9.90 2.66
N ARG A 687 -25.51 -10.61 3.67
CA ARG A 687 -26.05 -11.95 3.42
C ARG A 687 -27.18 -11.87 2.41
N ASN A 688 -28.14 -10.97 2.66
CA ASN A 688 -29.24 -10.77 1.71
C ASN A 688 -28.71 -10.36 0.34
N THR A 689 -27.79 -9.39 0.33
CA THR A 689 -27.28 -8.86 -0.93
C THR A 689 -26.60 -9.93 -1.75
N ILE A 690 -25.87 -10.82 -1.08
CA ILE A 690 -25.08 -11.83 -1.76
C ILE A 690 -25.97 -12.94 -2.26
N LEU A 691 -26.88 -13.41 -1.39
CA LEU A 691 -27.77 -14.51 -1.75
C LEU A 691 -28.68 -14.11 -2.90
N GLU A 692 -29.08 -12.83 -2.96
CA GLU A 692 -29.88 -12.35 -4.08
C GLU A 692 -29.18 -12.61 -5.40
N GLN A 693 -27.94 -12.15 -5.52
CA GLN A 693 -27.19 -12.32 -6.76
C GLN A 693 -26.94 -13.80 -7.04
N PHE A 694 -26.42 -14.52 -6.06
CA PHE A 694 -26.04 -15.90 -6.31
C PHE A 694 -27.23 -16.82 -6.50
N THR A 695 -28.45 -16.36 -6.23
CA THR A 695 -29.64 -17.05 -6.72
C THR A 695 -30.03 -16.56 -8.10
N ARG A 696 -29.71 -15.30 -8.43
CA ARG A 696 -30.15 -14.73 -9.70
C ARG A 696 -29.31 -15.23 -10.87
N SER A 697 -27.99 -15.26 -10.71
CA SER A 697 -27.08 -15.44 -11.84
C SER A 697 -26.81 -16.91 -12.17
N GLU A 698 -26.75 -17.78 -11.17
CA GLU A 698 -26.73 -19.22 -11.44
C GLU A 698 -25.53 -19.70 -12.25
N GLU A 699 -24.34 -19.70 -11.63
CA GLU A 699 -23.09 -20.30 -12.11
C GLU A 699 -22.33 -19.38 -13.05
N SER A 700 -22.87 -18.22 -13.41
CA SER A 700 -22.12 -17.14 -14.02
C SER A 700 -21.77 -16.07 -12.99
N SER A 701 -21.51 -16.50 -11.76
CA SER A 701 -21.56 -15.62 -10.58
C SER A 701 -20.15 -15.36 -10.05
N ARG A 702 -19.52 -14.32 -10.58
CA ARG A 702 -18.27 -13.81 -10.03
C ARG A 702 -18.55 -12.71 -9.01
N GLY A 703 -17.57 -12.47 -8.14
CA GLY A 703 -17.80 -11.59 -7.01
C GLY A 703 -16.54 -10.99 -6.43
N ILE A 704 -16.69 -9.80 -5.88
CA ILE A 704 -15.63 -9.13 -5.13
C ILE A 704 -16.25 -8.52 -3.89
N ILE A 705 -15.48 -8.56 -2.82
CA ILE A 705 -15.79 -7.83 -1.60
C ILE A 705 -14.55 -7.02 -1.26
N PHE A 706 -14.77 -5.78 -0.87
CA PHE A 706 -13.71 -4.91 -0.41
C PHE A 706 -13.95 -4.57 1.05
N THR A 707 -12.87 -4.47 1.79
CA THR A 707 -12.91 -4.06 3.18
C THR A 707 -11.62 -3.32 3.50
N LYS A 708 -11.46 -2.96 4.76
CA LYS A 708 -10.37 -2.09 5.17
C LYS A 708 -9.15 -2.87 5.63
N THR A 709 -9.33 -3.78 6.58
CA THR A 709 -8.22 -4.45 7.24
C THR A 709 -7.97 -5.81 6.62
N ARG A 710 -6.88 -6.42 7.05
CA ARG A 710 -6.54 -7.77 6.62
C ARG A 710 -7.30 -8.80 7.43
N GLN A 711 -7.29 -8.64 8.75
CA GLN A 711 -7.94 -9.58 9.65
C GLN A 711 -9.40 -9.75 9.32
N SER A 712 -10.05 -8.67 8.88
CA SER A 712 -11.44 -8.76 8.45
C SER A 712 -11.58 -9.74 7.30
N THR A 713 -10.59 -9.78 6.40
CA THR A 713 -10.67 -10.70 5.27
C THR A 713 -10.63 -12.15 5.75
N TYR A 714 -9.71 -12.46 6.66
CA TYR A 714 -9.64 -13.83 7.18
C TYR A 714 -10.93 -14.20 7.88
N ALA A 715 -11.47 -13.28 8.68
CA ALA A 715 -12.67 -13.58 9.43
C ALA A 715 -13.85 -13.84 8.50
N LEU A 716 -13.99 -12.99 7.46
CA LEU A 716 -15.08 -13.16 6.53
C LEU A 716 -14.93 -14.45 5.74
N SER A 717 -13.71 -14.79 5.33
CA SER A 717 -13.51 -16.02 4.59
C SER A 717 -13.83 -17.24 5.44
N GLN A 718 -13.35 -17.25 6.68
CA GLN A 718 -13.68 -18.31 7.62
C GLN A 718 -15.19 -18.43 7.81
N TRP A 719 -15.86 -17.29 8.00
CA TRP A 719 -17.30 -17.28 8.20
C TRP A 719 -18.04 -17.87 7.02
N ILE A 720 -17.70 -17.41 5.82
CA ILE A 720 -18.36 -17.93 4.62
C ILE A 720 -18.06 -19.40 4.45
N MET A 721 -16.89 -19.85 4.90
CA MET A 721 -16.59 -21.28 4.86
C MET A 721 -17.46 -22.04 5.84
N GLU A 722 -17.80 -21.44 6.97
CA GLU A 722 -18.57 -22.13 8.00
C GLU A 722 -20.05 -22.21 7.64
N ASN A 723 -20.70 -21.07 7.43
CA ASN A 723 -22.13 -21.05 7.22
C ASN A 723 -22.51 -21.82 5.96
N ALA A 724 -23.52 -22.68 6.10
CA ALA A 724 -23.83 -23.64 5.04
C ALA A 724 -24.53 -22.98 3.87
N LYS A 725 -25.30 -21.93 4.11
CA LYS A 725 -26.14 -21.34 3.07
C LYS A 725 -25.29 -20.86 1.90
N PHE A 726 -24.13 -20.28 2.18
CA PHE A 726 -23.26 -19.80 1.11
C PHE A 726 -22.71 -20.95 0.29
N ALA A 727 -22.25 -22.01 0.95
CA ALA A 727 -21.74 -23.16 0.22
C ALA A 727 -22.83 -23.85 -0.58
N GLU A 728 -24.08 -23.78 -0.10
CA GLU A 728 -25.19 -24.41 -0.80
C GLU A 728 -25.39 -23.81 -2.18
N VAL A 729 -25.26 -22.50 -2.29
CA VAL A 729 -25.62 -21.79 -3.51
C VAL A 729 -24.41 -21.77 -4.45
N GLY A 730 -23.32 -22.41 -4.03
CA GLY A 730 -22.12 -22.43 -4.83
C GLY A 730 -21.19 -21.26 -4.59
N VAL A 731 -21.21 -20.69 -3.40
CA VAL A 731 -20.40 -19.49 -3.10
C VAL A 731 -19.05 -20.00 -2.64
N LYS A 732 -18.17 -20.25 -3.60
CA LYS A 732 -16.77 -20.57 -3.32
C LYS A 732 -15.99 -19.27 -3.18
N ALA A 733 -15.30 -19.11 -2.04
CA ALA A 733 -14.75 -17.83 -1.62
C ALA A 733 -13.28 -17.97 -1.30
N HIS A 734 -12.55 -16.86 -1.43
CA HIS A 734 -11.18 -16.85 -0.97
C HIS A 734 -10.72 -15.43 -0.67
N HIS A 735 -9.73 -15.31 0.20
CA HIS A 735 -9.23 -14.03 0.65
C HIS A 735 -8.02 -13.59 -0.18
N LEU A 736 -7.62 -12.34 0.04
CA LEU A 736 -6.56 -11.71 -0.73
C LEU A 736 -6.10 -10.43 -0.06
N ILE A 737 -4.79 -10.29 0.15
CA ILE A 737 -4.20 -9.09 0.71
C ILE A 737 -2.84 -8.87 0.08
N GLY A 738 -2.17 -7.80 0.50
CA GLY A 738 -0.93 -7.37 -0.10
C GLY A 738 0.30 -7.85 0.66
N ALA A 739 1.45 -7.58 0.07
CA ALA A 739 2.70 -8.21 0.46
C ALA A 739 3.57 -7.38 1.39
N GLY A 740 3.12 -6.20 1.81
CA GLY A 740 3.94 -5.39 2.70
C GLY A 740 4.18 -6.12 4.01
N HIS A 741 5.42 -6.11 4.46
CA HIS A 741 5.85 -6.84 5.66
C HIS A 741 5.76 -5.86 6.81
N SER A 742 4.56 -5.74 7.36
CA SER A 742 4.27 -4.81 8.44
C SER A 742 2.90 -5.13 8.99
N SER A 743 2.47 -4.35 9.97
CA SER A 743 1.08 -4.25 10.37
C SER A 743 0.58 -5.49 11.12
N GLU A 744 1.49 -6.19 11.81
CA GLU A 744 1.08 -7.19 12.81
C GLU A 744 0.31 -8.34 12.18
N VAL A 745 0.54 -8.61 10.89
CA VAL A 745 -0.10 -9.70 10.19
C VAL A 745 0.93 -10.34 9.26
N LYS A 746 0.79 -11.64 9.04
CA LYS A 746 1.61 -12.34 8.09
C LYS A 746 1.12 -12.01 6.68
N PRO A 747 1.85 -11.25 5.88
CA PRO A 747 1.37 -10.95 4.54
C PRO A 747 1.36 -12.19 3.66
N MET A 748 0.80 -12.03 2.48
CA MET A 748 0.86 -13.01 1.42
C MET A 748 2.04 -12.70 0.50
N THR A 749 2.23 -13.59 -0.47
CA THR A 749 3.31 -13.48 -1.42
C THR A 749 2.74 -13.36 -2.83
N GLN A 750 3.52 -12.74 -3.71
CA GLN A 750 3.10 -12.50 -5.09
C GLN A 750 2.66 -13.77 -5.78
N THR A 751 3.28 -14.90 -5.45
CA THR A 751 2.90 -16.15 -6.09
C THR A 751 1.49 -16.55 -5.70
N GLU A 752 1.15 -16.45 -4.41
CA GLU A 752 -0.19 -16.77 -3.98
C GLU A 752 -1.20 -15.83 -4.62
N GLN A 753 -0.82 -14.56 -4.78
CA GLN A 753 -1.68 -13.62 -5.47
C GLN A 753 -1.97 -14.09 -6.89
N LYS A 754 -0.91 -14.38 -7.65
CA LYS A 754 -1.09 -14.80 -9.04
C LYS A 754 -1.93 -16.06 -9.13
N GLU A 755 -1.69 -17.01 -8.23
CA GLU A 755 -2.47 -18.25 -8.22
C GLU A 755 -3.94 -17.97 -7.97
N VAL A 756 -4.22 -17.07 -7.02
CA VAL A 756 -5.61 -16.73 -6.72
C VAL A 756 -6.27 -16.07 -7.91
N ILE A 757 -5.54 -15.20 -8.60
CA ILE A 757 -6.09 -14.58 -9.81
C ILE A 757 -6.42 -15.64 -10.85
N SER A 758 -5.50 -16.58 -11.04
CA SER A 758 -5.72 -17.61 -12.04
C SER A 758 -6.88 -18.52 -11.67
N LYS A 759 -7.08 -18.77 -10.38
CA LYS A 759 -8.23 -19.55 -9.96
C LYS A 759 -9.51 -18.78 -10.18
N PHE A 760 -9.49 -17.47 -9.93
CA PHE A 760 -10.65 -16.63 -10.17
C PHE A 760 -11.06 -16.70 -11.63
N ARG A 761 -10.10 -16.46 -12.51
CA ARG A 761 -10.37 -16.51 -13.94
C ARG A 761 -10.82 -17.91 -14.34
N THR A 762 -10.30 -18.93 -13.67
CA THR A 762 -10.75 -20.29 -13.92
C THR A 762 -12.16 -20.52 -13.40
N GLY A 763 -12.45 -20.01 -12.20
CA GLY A 763 -13.72 -20.25 -11.57
C GLY A 763 -13.71 -21.19 -10.40
N GLU A 764 -12.54 -21.47 -9.81
CA GLU A 764 -12.51 -22.29 -8.60
C GLU A 764 -13.05 -21.53 -7.40
N ILE A 765 -12.71 -20.23 -7.29
CA ILE A 765 -13.24 -19.35 -6.26
C ILE A 765 -14.20 -18.38 -6.92
N ASN A 766 -15.43 -18.33 -6.41
CA ASN A 766 -16.44 -17.48 -7.02
C ASN A 766 -16.30 -16.02 -6.60
N LEU A 767 -15.85 -15.77 -5.36
CA LEU A 767 -15.74 -14.40 -4.87
C LEU A 767 -14.41 -14.20 -4.15
N LEU A 768 -13.89 -12.99 -4.29
CA LEU A 768 -12.61 -12.60 -3.72
C LEU A 768 -12.83 -11.50 -2.69
N ILE A 769 -12.45 -11.78 -1.45
CA ILE A 769 -12.42 -10.80 -0.38
C ILE A 769 -11.05 -10.15 -0.40
N ALA A 770 -11.00 -8.82 -0.45
CA ALA A 770 -9.76 -8.12 -0.72
C ALA A 770 -9.69 -6.80 0.04
N THR A 771 -8.46 -6.37 0.27
CA THR A 771 -8.15 -5.00 0.66
C THR A 771 -7.98 -4.18 -0.61
N THR A 772 -7.44 -2.97 -0.50
CA THR A 772 -7.37 -2.04 -1.63
C THR A 772 -6.41 -2.47 -2.73
N VAL A 773 -5.83 -3.67 -2.62
CA VAL A 773 -4.98 -4.20 -3.68
C VAL A 773 -5.72 -4.24 -5.00
N ALA A 774 -7.02 -4.49 -4.96
CA ALA A 774 -7.75 -4.79 -6.18
C ALA A 774 -8.15 -3.52 -6.95
N GLU A 775 -8.40 -2.40 -6.27
CA GLU A 775 -8.96 -1.22 -6.95
C GLU A 775 -7.90 -0.44 -7.72
N GLU A 776 -7.09 -1.16 -8.50
CA GLU A 776 -6.12 -0.95 -9.58
C GLU A 776 -5.56 -2.25 -10.09
N GLY A 777 -4.63 -2.15 -11.03
CA GLY A 777 -3.56 -2.93 -11.64
C GLY A 777 -4.02 -4.27 -12.15
N LEU A 778 -3.63 -5.29 -11.39
CA LEU A 778 -3.87 -6.70 -11.69
C LEU A 778 -5.26 -6.94 -12.26
N ASP A 779 -5.32 -7.80 -13.27
CA ASP A 779 -6.44 -7.86 -14.21
C ASP A 779 -7.38 -8.98 -13.79
N ILE A 780 -8.40 -8.61 -13.05
CA ILE A 780 -9.41 -9.56 -12.60
C ILE A 780 -10.51 -9.64 -13.66
N LYS A 781 -11.10 -10.83 -13.79
CA LYS A 781 -12.16 -11.05 -14.76
C LYS A 781 -13.35 -10.17 -14.44
N GLU A 782 -14.16 -9.90 -15.47
CA GLU A 782 -15.35 -9.07 -15.30
C GLU A 782 -16.29 -9.72 -14.30
N CYS A 783 -16.88 -8.88 -13.46
CA CYS A 783 -17.63 -9.30 -12.29
C CYS A 783 -19.03 -8.73 -12.34
N ASN A 784 -19.83 -9.08 -11.33
CA ASN A 784 -21.21 -8.67 -11.21
C ASN A 784 -21.46 -7.83 -9.97
N ILE A 785 -20.98 -8.30 -8.82
CA ILE A 785 -21.54 -7.95 -7.53
C ILE A 785 -20.47 -7.35 -6.62
N VAL A 786 -19.54 -6.60 -7.21
CA VAL A 786 -18.61 -5.78 -6.42
C VAL A 786 -19.39 -5.00 -5.38
N ILE A 787 -18.86 -5.02 -4.16
CA ILE A 787 -19.48 -4.32 -3.04
C ILE A 787 -18.40 -3.55 -2.31
N ARG A 788 -18.75 -2.97 -1.17
CA ARG A 788 -17.85 -2.11 -0.41
C ARG A 788 -18.30 -2.17 1.03
N TYR A 789 -17.51 -2.82 1.88
CA TYR A 789 -17.87 -3.09 3.27
C TYR A 789 -16.96 -2.25 4.16
N GLY A 790 -17.36 -1.01 4.41
CA GLY A 790 -16.69 -0.20 5.39
C GLY A 790 -15.43 0.47 4.91
N LEU A 791 -15.44 0.94 3.66
CA LEU A 791 -14.26 1.55 3.07
C LEU A 791 -14.67 2.59 2.06
N VAL A 792 -14.26 3.84 2.26
CA VAL A 792 -14.39 4.85 1.23
C VAL A 792 -13.14 5.72 1.24
N THR A 793 -12.24 5.45 0.30
CA THR A 793 -10.96 6.16 0.24
C THR A 793 -11.08 7.47 -0.51
N ASN A 794 -11.43 7.41 -1.79
CA ASN A 794 -11.47 8.58 -2.64
C ASN A 794 -12.18 8.26 -3.94
N GLU A 795 -12.25 9.26 -4.82
CA GLU A 795 -12.93 9.10 -6.09
C GLU A 795 -12.25 8.06 -6.97
N ILE A 796 -10.94 7.90 -6.83
CA ILE A 796 -10.20 7.06 -7.77
C ILE A 796 -10.52 5.59 -7.54
N ALA A 797 -10.40 5.16 -6.28
CA ALA A 797 -10.81 3.79 -5.95
C ALA A 797 -12.28 3.58 -6.28
N MET A 798 -13.10 4.60 -6.05
CA MET A 798 -14.52 4.52 -6.37
C MET A 798 -14.74 4.20 -7.84
N VAL A 799 -14.15 5.00 -8.73
CA VAL A 799 -14.39 4.82 -10.15
C VAL A 799 -13.76 3.54 -10.65
N GLN A 800 -12.60 3.17 -10.09
CA GLN A 800 -11.93 1.97 -10.56
C GLN A 800 -12.72 0.72 -10.17
N ALA A 801 -13.28 0.70 -8.97
CA ALA A 801 -14.19 -0.38 -8.61
C ALA A 801 -15.44 -0.34 -9.48
N ARG A 802 -15.95 0.87 -9.75
CA ARG A 802 -17.13 1.03 -10.58
C ARG A 802 -16.87 0.64 -12.03
N GLY A 803 -15.61 0.45 -12.42
CA GLY A 803 -15.27 -0.02 -13.74
C GLY A 803 -15.06 -1.51 -13.85
N ARG A 804 -15.21 -2.24 -12.77
CA ARG A 804 -15.03 -3.69 -12.79
C ARG A 804 -16.26 -4.41 -13.31
N ALA A 805 -17.45 -3.95 -12.92
CA ALA A 805 -18.68 -4.74 -13.03
C ALA A 805 -19.24 -4.65 -14.45
N ARG A 806 -18.80 -5.57 -15.30
CA ARG A 806 -19.41 -5.84 -16.60
C ARG A 806 -20.38 -7.00 -16.42
N ALA A 807 -20.79 -7.67 -17.50
CA ALA A 807 -21.70 -8.81 -17.38
C ALA A 807 -23.04 -8.37 -16.78
N ASP A 808 -23.89 -7.79 -17.63
CA ASP A 808 -25.11 -7.05 -17.28
C ASP A 808 -25.90 -7.66 -16.14
N GLU A 809 -26.64 -6.79 -15.44
CA GLU A 809 -27.13 -7.02 -14.08
C GLU A 809 -25.97 -6.93 -13.09
N SER A 810 -25.08 -5.98 -13.32
CA SER A 810 -23.99 -5.66 -12.41
C SER A 810 -24.42 -4.54 -11.46
N THR A 811 -23.71 -4.42 -10.35
CA THR A 811 -24.08 -3.49 -9.30
C THR A 811 -22.83 -2.81 -8.75
N TYR A 812 -23.06 -1.85 -7.86
CA TYR A 812 -21.99 -1.26 -7.06
C TYR A 812 -22.63 -0.92 -5.72
N VAL A 813 -22.36 -1.74 -4.73
CA VAL A 813 -23.02 -1.66 -3.45
C VAL A 813 -22.10 -0.97 -2.46
N LEU A 814 -22.72 -0.28 -1.51
CA LEU A 814 -22.02 0.28 -0.36
C LEU A 814 -22.78 -0.06 0.90
N VAL A 815 -22.07 -0.61 1.88
CA VAL A 815 -22.64 -1.09 3.11
C VAL A 815 -21.98 -0.33 4.25
N THR A 816 -22.80 0.31 5.09
CA THR A 816 -22.29 1.12 6.19
C THR A 816 -23.26 1.00 7.36
N SER A 817 -22.86 1.59 8.47
CA SER A 817 -23.73 1.80 9.62
C SER A 817 -24.34 3.19 9.53
N SER A 818 -25.20 3.49 10.50
CA SER A 818 -25.87 4.78 10.52
C SER A 818 -24.98 5.85 11.12
N GLY A 819 -24.44 5.59 12.31
CA GLY A 819 -23.71 6.60 13.06
C GLY A 819 -22.23 6.62 12.79
N SER A 820 -21.85 6.35 11.54
CA SER A 820 -20.48 6.51 11.08
C SER A 820 -20.56 7.19 9.73
N GLY A 821 -20.08 8.42 9.64
CA GLY A 821 -20.18 9.16 8.40
C GLY A 821 -19.40 8.50 7.30
N VAL A 822 -20.11 7.84 6.37
CA VAL A 822 -19.51 7.18 5.23
C VAL A 822 -20.22 7.53 3.95
N THR A 823 -21.56 7.41 3.95
CA THR A 823 -22.35 7.85 2.80
C THR A 823 -22.07 9.30 2.46
N GLU A 824 -21.85 10.12 3.49
CA GLU A 824 -21.26 11.44 3.34
C GLU A 824 -20.08 11.42 2.38
N ARG A 825 -19.10 10.58 2.67
CA ARG A 825 -17.87 10.56 1.89
C ARG A 825 -18.11 9.98 0.52
N GLU A 826 -19.01 9.00 0.42
CA GLU A 826 -19.39 8.46 -0.87
C GLU A 826 -19.94 9.55 -1.77
N ILE A 827 -20.81 10.40 -1.22
CA ILE A 827 -21.45 11.43 -2.00
C ILE A 827 -20.43 12.51 -2.37
N VAL A 828 -19.51 12.81 -1.46
CA VAL A 828 -18.41 13.73 -1.76
C VAL A 828 -17.62 13.23 -2.96
N ASN A 829 -17.26 11.95 -2.95
CA ASN A 829 -16.48 11.40 -4.06
C ASN A 829 -17.30 11.41 -5.35
N ASP A 830 -18.61 11.20 -5.24
CA ASP A 830 -19.47 11.27 -6.41
C ASP A 830 -19.43 12.67 -7.00
N PHE A 831 -19.50 13.69 -6.15
CA PHE A 831 -19.47 15.06 -6.64
C PHE A 831 -18.12 15.41 -7.22
N ARG A 832 -17.05 14.88 -6.63
CA ARG A 832 -15.73 15.11 -7.18
C ARG A 832 -15.61 14.48 -8.57
N GLU A 833 -16.21 13.30 -8.75
CA GLU A 833 -16.25 12.68 -10.07
C GLU A 833 -16.99 13.58 -11.05
N LYS A 834 -18.12 14.15 -10.62
CA LYS A 834 -18.86 15.04 -11.50
C LYS A 834 -18.15 16.36 -11.73
N MET A 835 -17.22 16.73 -10.85
CA MET A 835 -16.53 18.00 -10.95
C MET A 835 -15.36 17.93 -11.91
N MET A 836 -14.59 16.84 -11.83
CA MET A 836 -13.38 16.76 -12.63
C MET A 836 -13.70 16.77 -14.11
N TYR A 837 -14.85 16.23 -14.51
CA TYR A 837 -15.23 16.28 -15.91
C TYR A 837 -15.52 17.71 -16.34
N LYS A 838 -16.17 18.50 -15.49
CA LYS A 838 -16.38 19.90 -15.81
C LYS A 838 -15.05 20.62 -15.96
N ALA A 839 -14.09 20.31 -15.10
CA ALA A 839 -12.80 20.97 -15.19
C ALA A 839 -12.08 20.57 -16.47
N ILE A 840 -12.21 19.29 -16.84
CA ILE A 840 -11.63 18.80 -18.08
C ILE A 840 -12.20 19.55 -19.26
N ASN A 841 -13.52 19.77 -19.26
CA ASN A 841 -14.14 20.53 -20.33
C ASN A 841 -13.65 21.96 -20.34
N ARG A 842 -13.45 22.54 -19.15
CA ARG A 842 -12.97 23.92 -19.07
C ARG A 842 -11.57 24.06 -19.64
N VAL A 843 -10.75 23.02 -19.53
CA VAL A 843 -9.35 23.13 -19.96
C VAL A 843 -9.18 22.70 -21.42
N GLN A 844 -9.94 21.72 -21.89
CA GLN A 844 -9.85 21.34 -23.30
C GLN A 844 -10.18 22.52 -24.19
N ASN A 845 -11.16 23.31 -23.80
CA ASN A 845 -11.56 24.49 -24.54
C ASN A 845 -10.75 25.72 -24.19
N MET A 846 -9.80 25.60 -23.27
CA MET A 846 -8.90 26.70 -22.96
C MET A 846 -8.14 27.11 -24.20
N LYS A 847 -7.72 28.37 -24.23
CA LYS A 847 -6.96 28.87 -25.35
C LYS A 847 -5.58 28.21 -25.35
N PRO A 848 -5.01 27.93 -26.53
CA PRO A 848 -3.66 27.32 -26.54
C PRO A 848 -2.59 28.19 -25.92
N GLU A 849 -2.58 29.48 -26.20
CA GLU A 849 -1.53 30.34 -25.69
C GLU A 849 -1.61 30.46 -24.17
N GLU A 850 -2.83 30.61 -23.65
CA GLU A 850 -3.00 30.69 -22.20
C GLU A 850 -2.61 29.38 -21.54
N TYR A 851 -2.97 28.26 -22.17
CA TYR A 851 -2.58 26.96 -21.69
C TYR A 851 -1.07 26.85 -21.60
N ALA A 852 -0.38 27.25 -22.66
CA ALA A 852 1.08 27.19 -22.70
C ALA A 852 1.68 28.02 -21.59
N HIS A 853 1.19 29.25 -21.44
CA HIS A 853 1.68 30.13 -20.39
C HIS A 853 1.52 29.51 -19.02
N LYS A 854 0.34 28.94 -18.76
CA LYS A 854 0.07 28.39 -17.44
C LYS A 854 0.95 27.17 -17.17
N ILE A 855 1.11 26.29 -18.15
CA ILE A 855 1.92 25.11 -17.89
C ILE A 855 3.39 25.50 -17.73
N LEU A 856 3.84 26.53 -18.43
CA LEU A 856 5.21 27.00 -18.21
C LEU A 856 5.39 27.48 -16.79
N GLU A 857 4.44 28.28 -16.31
CA GLU A 857 4.50 28.75 -14.93
C GLU A 857 4.55 27.58 -13.96
N LEU A 858 3.73 26.56 -14.22
CA LEU A 858 3.66 25.45 -13.28
C LEU A 858 4.90 24.58 -13.32
N GLN A 859 5.47 24.39 -14.50
CA GLN A 859 6.72 23.65 -14.60
C GLN A 859 7.83 24.35 -13.86
N VAL A 860 7.88 25.68 -14.00
CA VAL A 860 8.89 26.45 -13.29
C VAL A 860 8.70 26.32 -11.79
N GLN A 861 7.45 26.42 -11.32
CA GLN A 861 7.19 26.29 -9.90
C GLN A 861 7.55 24.89 -9.39
N SER A 862 7.31 23.86 -10.21
CA SER A 862 7.60 22.51 -9.77
C SER A 862 9.09 22.27 -9.70
N ILE A 863 9.86 22.86 -10.62
CA ILE A 863 11.31 22.70 -10.56
C ILE A 863 11.91 23.52 -9.42
N LEU A 864 11.35 24.70 -9.15
CA LEU A 864 11.85 25.49 -8.03
C LEU A 864 11.43 24.87 -6.70
N GLU A 865 10.27 24.22 -6.66
CA GLU A 865 9.84 23.52 -5.45
C GLU A 865 10.65 22.26 -5.19
N LYS A 866 11.51 21.84 -6.12
CA LYS A 866 12.37 20.69 -5.90
C LYS A 866 13.64 21.10 -5.18
N LYS A 867 14.33 22.10 -5.71
CA LYS A 867 15.58 22.76 -5.29
C LYS A 867 15.54 23.15 -3.82
N MET A 868 14.44 23.81 -3.42
CA MET A 868 14.29 24.25 -2.03
C MET A 868 14.36 23.07 -1.08
N LYS A 869 13.62 21.99 -1.40
CA LYS A 869 13.47 20.68 -0.78
C LYS A 869 14.80 19.95 -0.68
N VAL A 870 15.66 20.05 -1.69
CA VAL A 870 17.00 19.49 -1.89
C VAL A 870 17.95 20.02 -0.83
N LYS A 871 17.87 21.32 -0.53
CA LYS A 871 18.75 21.89 0.48
C LYS A 871 18.47 21.30 1.84
N ARG A 872 17.20 21.17 2.19
CA ARG A 872 16.84 20.60 3.49
C ARG A 872 17.06 19.10 3.52
N SER A 873 16.91 18.42 2.37
CA SER A 873 17.19 16.99 2.30
C SER A 873 18.66 16.70 2.51
N ILE A 874 19.54 17.53 1.95
CA ILE A 874 20.97 17.26 2.04
C ILE A 874 21.49 17.56 3.44
N ALA A 875 21.00 18.62 4.06
CA ALA A 875 21.42 18.99 5.41
C ALA A 875 20.81 18.05 6.44
N TYR A 878 22.84 15.05 11.60
CA TYR A 878 23.79 14.57 10.61
C TYR A 878 25.17 14.38 11.21
N ASN A 879 25.23 14.23 12.53
CA ASN A 879 26.50 14.09 13.22
C ASN A 879 26.87 12.60 13.32
N ASP A 880 27.98 12.31 13.99
CA ASP A 880 28.49 10.94 14.12
C ASP A 880 28.97 10.76 15.55
N ASN A 881 28.23 9.97 16.32
CA ASN A 881 28.62 9.65 17.69
C ASN A 881 28.83 8.15 17.80
N PRO A 882 30.02 7.69 18.10
CA PRO A 882 30.28 6.24 18.05
C PRO A 882 29.67 5.50 19.22
N SER A 883 29.78 6.10 20.41
CA SER A 883 29.16 5.54 21.60
C SER A 883 28.83 6.67 22.56
N LEU A 884 27.61 7.19 22.47
CA LEU A 884 27.13 8.23 23.36
C LEU A 884 25.72 7.92 23.84
N ILE A 885 25.34 6.63 23.80
CA ILE A 885 23.98 6.21 24.07
C ILE A 885 24.02 4.95 24.92
N THR A 886 22.85 4.56 25.40
CA THR A 886 22.64 3.22 25.93
C THR A 886 21.23 2.78 25.55
N LEU A 887 21.12 1.55 25.07
CA LEU A 887 19.85 0.97 24.69
C LEU A 887 19.34 0.12 25.84
N LEU A 888 18.17 0.50 26.34
CA LEU A 888 17.48 -0.22 27.39
C LEU A 888 16.25 -0.93 26.83
N CYS A 889 15.81 -1.93 27.56
CA CYS A 889 14.52 -2.54 27.28
C CYS A 889 13.43 -1.55 27.59
N LYS A 890 12.36 -1.64 26.82
CA LYS A 890 11.31 -0.65 26.81
C LYS A 890 10.20 -0.98 27.79
N ASN A 891 9.84 -2.26 27.90
CA ASN A 891 8.94 -2.69 28.96
C ASN A 891 9.59 -2.53 30.33
N CYS A 892 10.72 -3.20 30.52
CA CYS A 892 11.47 -3.14 31.76
C CYS A 892 12.61 -2.14 31.59
N SER A 893 12.68 -1.17 32.49
CA SER A 893 13.73 -0.16 32.42
C SER A 893 15.04 -0.83 32.82
N MET A 894 15.61 -1.56 31.87
CA MET A 894 16.77 -2.41 32.08
C MET A 894 17.76 -2.19 30.96
N LEU A 895 19.04 -2.22 31.31
CA LEU A 895 20.09 -2.09 30.31
C LEU A 895 20.10 -3.31 29.40
N VAL A 896 20.43 -3.08 28.14
CA VAL A 896 20.61 -4.15 27.18
C VAL A 896 21.98 -3.99 26.53
N CYS A 897 22.24 -2.82 25.94
CA CYS A 897 23.46 -2.66 25.16
C CYS A 897 23.94 -1.22 25.20
N SER A 898 25.15 -1.03 24.70
CA SER A 898 25.72 0.26 24.40
C SER A 898 25.93 0.39 22.89
N GLY A 899 26.26 1.60 22.46
CA GLY A 899 26.41 1.86 21.04
C GLY A 899 27.64 1.22 20.41
N GLU A 900 28.64 0.90 21.22
CA GLU A 900 29.89 0.39 20.66
C GLU A 900 29.76 -1.08 20.28
N ASN A 901 29.01 -1.86 21.06
CA ASN A 901 28.90 -3.29 20.80
C ASN A 901 28.23 -3.57 19.47
N ILE A 902 27.44 -2.64 18.97
CA ILE A 902 26.64 -2.87 17.78
C ILE A 902 27.48 -2.70 16.53
N HIS A 903 27.17 -3.48 15.51
CA HIS A 903 27.78 -3.39 14.20
C HIS A 903 26.68 -3.54 13.15
N VAL A 904 27.08 -3.35 11.89
CA VAL A 904 26.18 -3.43 10.75
C VAL A 904 26.77 -4.40 9.74
N ILE A 905 25.89 -5.07 9.01
CA ILE A 905 26.28 -5.87 7.85
C ILE A 905 25.58 -5.30 6.63
N GLU A 906 26.30 -5.38 5.51
CA GLU A 906 25.91 -4.81 4.22
C GLU A 906 25.36 -3.41 4.34
N LYS A 907 25.90 -2.64 5.28
CA LYS A 907 25.47 -1.28 5.62
C LYS A 907 23.96 -1.14 5.80
N MET A 908 23.25 -2.24 6.07
CA MET A 908 21.82 -2.21 6.31
C MET A 908 21.41 -2.82 7.64
N HIS A 909 21.77 -4.07 7.91
CA HIS A 909 21.20 -4.79 9.03
C HIS A 909 22.05 -4.56 10.28
N HIS A 910 21.39 -4.16 11.35
CA HIS A 910 22.03 -3.91 12.62
C HIS A 910 22.08 -5.19 13.45
N VAL A 911 23.13 -5.33 14.26
CA VAL A 911 23.38 -6.59 14.95
C VAL A 911 24.35 -6.36 16.09
N ASN A 912 24.39 -7.32 17.02
CA ASN A 912 25.35 -7.36 18.12
C ASN A 912 25.95 -8.75 18.19
N MET A 913 27.25 -8.80 18.51
CA MET A 913 27.98 -10.07 18.58
C MET A 913 28.92 -10.08 19.78
N THR A 914 28.40 -9.70 20.96
CA THR A 914 29.11 -9.82 22.22
C THR A 914 28.41 -10.84 23.12
N PRO A 915 29.14 -11.72 23.82
CA PRO A 915 28.44 -12.75 24.61
C PRO A 915 27.57 -12.20 25.72
N GLU A 916 27.84 -10.98 26.18
CA GLU A 916 27.02 -10.36 27.21
C GLU A 916 25.58 -10.25 26.75
N PHE A 917 25.37 -9.67 25.56
CA PHE A 917 24.03 -9.62 24.99
C PHE A 917 23.53 -11.00 24.62
N LYS A 918 24.44 -11.95 24.35
CA LYS A 918 24.00 -13.30 24.04
C LYS A 918 23.39 -13.97 25.25
N GLY A 919 23.77 -13.56 26.45
CA GLY A 919 23.29 -14.20 27.66
C GLY A 919 22.22 -13.40 28.37
N LEU A 920 21.42 -12.67 27.60
CA LEU A 920 20.37 -11.81 28.15
C LEU A 920 19.05 -11.98 27.42
N TYR A 921 18.87 -13.07 26.68
CA TYR A 921 17.60 -13.28 26.00
C TYR A 921 17.35 -14.77 25.85
N ILE A 922 16.12 -15.07 25.45
CA ILE A 922 15.64 -16.42 25.23
C ILE A 922 15.03 -16.46 23.84
N VAL A 923 15.14 -17.61 23.19
CA VAL A 923 14.55 -17.85 21.89
C VAL A 923 13.31 -18.70 22.07
N ARG A 924 12.35 -18.52 21.18
CA ARG A 924 11.13 -19.31 21.15
C ARG A 924 10.94 -19.82 19.72
N GLU A 925 9.81 -20.45 19.45
CA GLU A 925 9.54 -21.07 18.17
C GLU A 925 8.69 -20.15 17.31
N ASN A 926 9.05 -20.07 16.03
CA ASN A 926 8.32 -19.21 15.11
C ASN A 926 6.97 -19.80 14.77
N LYS A 927 5.94 -18.95 14.76
CA LYS A 927 4.62 -19.38 14.34
C LYS A 927 4.39 -19.16 12.85
N ALA A 928 5.02 -18.14 12.26
CA ALA A 928 4.90 -17.91 10.82
C ALA A 928 5.45 -19.09 10.03
N LEU A 929 6.49 -19.74 10.56
CA LEU A 929 7.03 -20.94 9.95
C LEU A 929 6.46 -22.22 10.56
N GLN A 930 5.57 -22.11 11.54
CA GLN A 930 5.00 -23.27 12.19
C GLN A 930 3.81 -23.83 11.42
N LYS A 931 3.15 -23.00 10.64
CA LYS A 931 1.97 -23.41 9.88
C LYS A 931 2.35 -23.80 8.45
N ASP A 935 7.75 -28.58 9.52
CA ASP A 935 8.72 -27.59 9.08
C ASP A 935 9.83 -27.41 10.10
N TYR A 936 10.75 -26.48 9.82
CA TYR A 936 11.85 -26.18 10.72
C TYR A 936 12.01 -24.66 10.83
N GLN A 937 12.14 -24.17 12.06
CA GLN A 937 12.37 -22.74 12.27
C GLN A 937 13.74 -22.35 11.75
N THR A 938 13.83 -21.15 11.20
CA THR A 938 15.08 -20.66 10.64
C THR A 938 15.44 -19.30 11.22
N ASN A 939 14.43 -18.48 11.49
CA ASN A 939 14.61 -17.12 12.01
C ASN A 939 13.83 -17.02 13.31
N GLY A 940 14.49 -17.33 14.41
CA GLY A 940 13.82 -17.30 15.69
C GLY A 940 13.46 -15.88 16.10
N GLU A 941 12.44 -15.79 16.94
CA GLU A 941 12.01 -14.53 17.54
C GLU A 941 12.58 -14.41 18.93
N ILE A 942 13.23 -13.29 19.20
CA ILE A 942 13.87 -13.04 20.48
C ILE A 942 12.88 -12.41 21.44
N ILE A 943 13.10 -12.65 22.74
CA ILE A 943 12.32 -12.02 23.81
C ILE A 943 13.25 -11.64 24.94
N CYS A 944 12.76 -10.73 25.79
CA CYS A 944 13.48 -10.33 26.98
C CYS A 944 13.17 -11.27 28.14
N LYS A 945 13.88 -11.05 29.26
CA LYS A 945 13.51 -11.70 30.51
C LYS A 945 12.17 -11.19 31.02
N CYS A 946 11.82 -9.94 30.71
CA CYS A 946 10.52 -9.42 31.10
C CYS A 946 9.42 -10.03 30.24
N GLY A 947 9.66 -10.12 28.93
CA GLY A 947 8.70 -10.68 28.01
C GLY A 947 8.61 -9.92 26.69
N GLN A 948 9.15 -8.71 26.66
CA GLN A 948 9.07 -7.89 25.47
C GLN A 948 9.90 -8.49 24.35
N ALA A 949 9.28 -8.68 23.19
CA ALA A 949 10.01 -9.08 22.01
C ALA A 949 10.95 -7.97 21.58
N TRP A 950 12.15 -8.36 21.16
CA TRP A 950 13.18 -7.42 20.79
C TRP A 950 13.55 -7.47 19.32
N GLY A 951 13.77 -8.66 18.77
CA GLY A 951 14.32 -8.76 17.45
C GLY A 951 14.09 -10.07 16.74
N THR A 952 15.08 -10.49 15.98
CA THR A 952 14.98 -11.69 15.16
C THR A 952 16.38 -12.20 14.90
N MET A 953 16.50 -13.52 14.76
CA MET A 953 17.78 -14.12 14.50
C MET A 953 18.25 -13.78 13.09
N MET A 954 19.50 -14.11 12.80
CA MET A 954 20.08 -13.84 11.50
C MET A 954 21.26 -14.79 11.28
N VAL A 955 21.44 -15.19 10.02
CA VAL A 955 22.46 -16.16 9.63
C VAL A 955 23.37 -15.48 8.62
N HIS A 956 24.48 -14.94 9.09
CA HIS A 956 25.48 -14.28 8.25
C HIS A 956 26.77 -15.09 8.30
N LYS A 957 27.17 -15.62 7.14
CA LYS A 957 28.40 -16.40 7.03
C LYS A 957 28.39 -17.58 7.99
N GLY A 958 27.23 -18.21 8.12
CA GLY A 958 27.05 -19.32 9.03
C GLY A 958 26.91 -18.93 10.49
N LEU A 959 27.40 -17.76 10.88
CA LEU A 959 27.25 -17.28 12.25
C LEU A 959 25.78 -16.95 12.53
N ASP A 960 25.26 -17.47 13.64
CA ASP A 960 23.89 -17.17 14.05
C ASP A 960 23.83 -15.90 14.89
N LEU A 961 24.32 -14.82 14.32
CA LEU A 961 24.35 -13.54 15.00
C LEU A 961 22.95 -12.91 14.99
N PRO A 962 22.43 -12.45 16.13
CA PRO A 962 21.00 -12.09 16.19
C PRO A 962 20.78 -10.61 15.91
N CYS A 963 19.91 -10.31 14.95
CA CYS A 963 19.55 -8.94 14.65
C CYS A 963 18.65 -8.39 15.73
N LEU A 964 18.18 -7.16 15.53
CA LEU A 964 17.25 -6.54 16.46
C LEU A 964 16.68 -5.28 15.84
N LYS A 965 15.67 -4.73 16.51
CA LYS A 965 14.93 -3.57 16.08
C LYS A 965 15.30 -2.38 16.95
N ILE A 966 14.70 -1.23 16.62
CA ILE A 966 14.79 -0.03 17.43
C ILE A 966 13.38 0.49 17.70
N ARG A 967 12.38 -0.34 17.44
CA ARG A 967 11.01 -0.02 17.82
C ARG A 967 10.69 -0.52 19.21
N ASN A 968 11.38 -1.57 19.66
CA ASN A 968 11.14 -2.20 20.94
C ASN A 968 12.08 -1.76 22.04
N PHE A 969 13.13 -1.02 21.72
CA PHE A 969 14.08 -0.53 22.69
C PHE A 969 13.87 0.96 22.94
N VAL A 970 14.52 1.45 23.99
CA VAL A 970 14.50 2.87 24.33
C VAL A 970 15.93 3.37 24.46
N VAL A 971 16.12 4.64 24.13
CA VAL A 971 17.43 5.29 24.12
C VAL A 971 17.60 6.07 25.41
N ASN A 972 18.84 6.11 25.89
CA ASN A 972 19.23 7.04 26.94
C ASN A 972 20.56 7.65 26.56
N PHE A 973 20.56 8.95 26.28
CA PHE A 973 21.80 9.68 26.10
C PHE A 973 22.51 9.85 27.43
N LYS A 974 23.83 9.99 27.36
CA LYS A 974 24.64 10.10 28.57
C LYS A 974 24.59 11.48 29.20
N ASN A 975 24.14 12.50 28.48
CA ASN A 975 24.27 13.86 28.97
C ASN A 975 23.21 14.22 29.99
N ASN A 976 21.95 14.26 29.56
CA ASN A 976 20.85 14.78 30.38
C ASN A 976 19.56 14.01 30.20
N SER A 977 19.61 12.84 29.60
CA SER A 977 18.47 11.93 29.51
C SER A 977 17.17 12.52 28.95
N PRO A 978 17.20 13.18 27.79
CA PRO A 978 15.96 13.27 27.01
C PRO A 978 15.72 11.96 26.26
N LYS A 979 15.11 11.02 26.95
CA LYS A 979 14.86 9.69 26.40
C LYS A 979 13.81 9.75 25.30
N LYS A 980 14.07 9.07 24.19
CA LYS A 980 13.27 9.19 22.99
C LYS A 980 12.98 7.83 22.37
N GLN A 981 11.91 7.81 21.58
CA GLN A 981 11.53 6.68 20.75
C GLN A 981 11.63 7.09 19.29
N TYR A 982 12.00 6.14 18.42
CA TYR A 982 12.42 6.46 17.07
C TYR A 982 11.70 5.68 15.98
N LYS A 983 11.30 4.44 16.24
CA LYS A 983 10.49 3.62 15.33
C LYS A 983 11.25 3.09 14.11
N LYS A 984 12.48 3.56 13.87
CA LYS A 984 13.32 3.02 12.83
C LYS A 984 14.69 3.68 12.93
N TRP A 985 15.66 3.07 12.26
CA TRP A 985 17.07 3.40 12.48
C TRP A 985 17.49 4.67 11.76
N VAL A 986 16.91 4.96 10.60
CA VAL A 986 17.42 6.09 9.82
C VAL A 986 17.11 7.41 10.50
N GLU A 987 16.09 7.44 11.35
CA GLU A 987 15.63 8.71 11.89
C GLU A 987 16.67 9.35 12.82
N LEU A 988 17.40 8.53 13.56
CA LEU A 988 18.37 9.09 14.49
C LEU A 988 19.64 9.49 13.75
N PRO A 989 20.43 10.40 14.32
CA PRO A 989 21.52 11.01 13.55
C PRO A 989 22.80 10.19 13.52
N ILE A 990 23.09 9.46 14.58
CA ILE A 990 24.42 8.90 14.74
C ILE A 990 24.61 7.69 13.82
N ARG A 991 25.87 7.41 13.53
CA ARG A 991 26.27 6.33 12.65
C ARG A 991 26.87 5.20 13.47
N PHE A 992 26.74 3.98 12.95
CA PHE A 992 27.33 2.79 13.53
C PHE A 992 28.38 2.23 12.57
N PRO A 993 29.35 1.47 13.07
CA PRO A 993 30.41 0.97 12.19
C PRO A 993 30.01 -0.31 11.49
N ASP A 994 30.72 -0.58 10.38
CA ASP A 994 30.52 -1.81 9.64
C ASP A 994 31.10 -2.99 10.42
N LEU A 995 30.63 -4.19 10.06
CA LEU A 995 31.07 -5.40 10.74
C LEU A 995 32.41 -5.88 10.19
N ASP A 996 33.21 -6.46 11.07
CA ASP A 996 34.49 -7.04 10.68
C ASP A 996 34.87 -8.11 11.69
N TYR A 997 35.36 -9.24 11.18
CA TYR A 997 35.65 -10.41 12.00
C TYR A 997 36.90 -10.26 12.86
N SER A 998 37.60 -9.13 12.77
CA SER A 998 38.74 -8.91 13.65
C SER A 998 38.35 -8.97 15.11
N GLU A 999 37.14 -8.50 15.44
CA GLU A 999 36.61 -8.63 16.78
C GLU A 999 35.98 -10.01 16.93
N TYR A 1000 36.13 -10.59 18.12
CA TYR A 1000 35.67 -11.93 18.50
C TYR A 1000 36.58 -13.01 17.91
N CYS A 1001 37.51 -12.66 17.03
CA CYS A 1001 38.32 -13.65 16.35
C CYS A 1001 39.80 -13.27 16.36
N LEU A 1002 40.60 -14.02 15.61
CA LEU A 1002 42.03 -13.74 15.49
C LEU A 1002 42.73 -13.90 16.83
ZN ZN D . 12.73 -6.50 29.08
PG ATP E . -8.23 -1.19 -18.21
O1G ATP E . -8.88 0.17 -18.21
O2G ATP E . -8.82 -2.21 -17.23
O3G ATP E . -6.72 -1.09 -18.19
PB ATP E . -7.82 -3.13 -20.18
O1B ATP E . -7.18 -2.79 -21.51
O2B ATP E . -6.99 -3.67 -19.05
O3B ATP E . -8.59 -1.83 -19.64
PA ATP E . -9.92 -3.95 -21.78
O1A ATP E . -9.78 -2.50 -22.19
O2A ATP E . -11.29 -4.49 -21.45
O3A ATP E . -9.01 -4.15 -20.47
O5' ATP E . -9.23 -4.91 -22.86
C5' ATP E . -9.04 -6.29 -22.57
C4' ATP E . -9.91 -7.04 -23.55
O4' ATP E . -10.60 -6.09 -24.37
C3' ATP E . -9.08 -7.92 -24.47
O3' ATP E . -9.38 -9.30 -24.20
C2' ATP E . -9.49 -7.58 -25.87
O2' ATP E . -10.05 -8.71 -26.53
C1' ATP E . -10.54 -6.49 -25.74
N9 ATP E . -10.18 -5.37 -26.63
C8 ATP E . -9.46 -4.28 -26.32
N7 ATP E . -9.32 -3.48 -27.41
C5 ATP E . -9.96 -4.06 -28.44
C6 ATP E . -10.21 -3.76 -29.85
N6 ATP E . -9.73 -2.63 -30.40
N1 ATP E . -10.94 -4.64 -30.58
C2 ATP E . -11.41 -5.78 -30.04
N3 ATP E . -11.23 -6.12 -28.75
C4 ATP E . -10.51 -5.32 -27.92
#